data_4CL8
#
_entry.id   4CL8
#
_cell.length_a   74.430
_cell.length_b   89.420
_cell.length_c   82.220
_cell.angle_alpha   90.00
_cell.angle_beta   115.53
_cell.angle_gamma   90.00
#
_symmetry.space_group_name_H-M   'P 1 21 1'
#
loop_
_entity.id
_entity.type
_entity.pdbx_description
1 polymer 'PTERIDINE REDUCTASE 1'
2 non-polymer 2,4-diamino-6-(3-formylphenyl)-7H-pyrrolo[2,3-d]pyrimidine-5-carbonitrile
3 non-polymer 'NADP NICOTINAMIDE-ADENINE-DINUCLEOTIDE PHOSPHATE'
4 non-polymer 'ACETATE ION'
5 water water
#
_entity_poly.entity_id   1
_entity_poly.type   'polypeptide(L)'
_entity_poly.pdbx_seq_one_letter_code
;MGSSHHHHHHSSGLVPRGSHMEAPAAVVTGAAKRIGRAIAVKLHQTGYRVVIHYHNSAEAAVSLADELNKERSNTAVVCQ
ADLTNSNVLPASCEEIINSCFRAFGRCDVLVNNASAFYPTPLVQGDHEDNSNGKTVETQVAELIGTNAIAPFLLTMSFAQ
RQKGTNPNCTSSNLSIVNLCDAMVDQPCMAFSLYNMGKHALVGLTQSAALELAPYGIRVNGVAPGVSLLPVAMGEEEKDK
WRRKVPLGRREASAEQIADAVIFLVSGSAQYITGSIIKVDGGLSLVHA
;
_entity_poly.pdbx_strand_id   A,B,C,D
#
loop_
_chem_comp.id
_chem_comp.type
_chem_comp.name
_chem_comp.formula
ACT non-polymer 'ACETATE ION' 'C2 H3 O2 -1'
NAP non-polymer 'NADP NICOTINAMIDE-ADENINE-DINUCLEOTIDE PHOSPHATE' 'C21 H28 N7 O17 P3'
OZJ non-polymer 2,4-diamino-6-(3-formylphenyl)-7H-pyrrolo[2,3-d]pyrimidine-5-carbonitrile 'C14 H10 N6 O'
#
# COMPACT_ATOMS: atom_id res chain seq x y z
N GLU A 22 -8.46 34.60 -21.50
CA GLU A 22 -8.33 33.40 -22.35
C GLU A 22 -8.62 32.13 -21.56
N ALA A 23 -9.19 31.16 -22.23
CA ALA A 23 -9.58 29.90 -21.63
C ALA A 23 -8.43 28.89 -21.69
N PRO A 24 -8.29 28.07 -20.66
CA PRO A 24 -7.26 27.05 -20.66
C PRO A 24 -7.56 25.89 -21.64
N ALA A 25 -6.54 25.08 -21.88
CA ALA A 25 -6.67 24.00 -22.85
C ALA A 25 -6.23 22.65 -22.30
N ALA A 26 -6.94 21.61 -22.72
CA ALA A 26 -6.67 20.26 -22.27
C ALA A 26 -6.54 19.27 -23.43
N VAL A 27 -5.63 18.29 -23.26
CA VAL A 27 -5.47 17.15 -24.16
C VAL A 27 -6.00 15.97 -23.37
N VAL A 28 -6.89 15.22 -24.00
CA VAL A 28 -7.43 14.00 -23.44
C VAL A 28 -7.18 12.94 -24.48
N THR A 29 -6.38 11.95 -24.11
CA THR A 29 -6.12 10.80 -24.98
C THR A 29 -7.28 9.81 -24.94
N GLY A 30 -7.43 9.03 -25.99
CA GLY A 30 -8.60 8.18 -26.21
C GLY A 30 -9.96 8.82 -25.87
N ALA A 31 -10.18 10.03 -26.33
CA ALA A 31 -11.37 10.82 -25.96
C ALA A 31 -12.61 10.67 -26.87
N ALA A 32 -12.59 9.75 -27.82
CA ALA A 32 -13.67 9.69 -28.78
C ALA A 32 -14.96 9.15 -28.19
N LYS A 33 -14.81 8.31 -27.17
CA LYS A 33 -15.91 7.51 -26.63
C LYS A 33 -15.76 7.34 -25.13
N ARG A 34 -16.79 6.76 -24.55
CA ARG A 34 -16.76 6.19 -23.22
C ARG A 34 -16.16 7.16 -22.21
N ILE A 35 -15.24 6.73 -21.36
CA ILE A 35 -14.73 7.60 -20.30
C ILE A 35 -13.94 8.78 -20.83
N GLY A 36 -13.15 8.56 -21.86
CA GLY A 36 -12.37 9.67 -22.39
C GLY A 36 -13.29 10.80 -22.87
N ARG A 37 -14.38 10.43 -23.54
CA ARG A 37 -15.34 11.39 -24.02
C ARG A 37 -15.95 12.15 -22.84
N ALA A 38 -16.28 11.44 -21.76
CA ALA A 38 -16.94 12.06 -20.62
C ALA A 38 -16.03 13.11 -19.96
N ILE A 39 -14.74 12.85 -19.96
CA ILE A 39 -13.74 13.73 -19.40
C ILE A 39 -13.61 14.97 -20.27
N ALA A 40 -13.57 14.79 -21.59
CA ALA A 40 -13.43 15.92 -22.50
C ALA A 40 -14.66 16.79 -22.44
N VAL A 41 -15.85 16.18 -22.45
CA VAL A 41 -17.11 16.90 -22.31
C VAL A 41 -17.15 17.73 -21.02
N LYS A 42 -16.88 17.07 -19.90
CA LYS A 42 -16.84 17.79 -18.65
C LYS A 42 -15.77 18.89 -18.60
N LEU A 43 -14.56 18.60 -19.06
CA LEU A 43 -13.60 19.64 -19.10
C LEU A 43 -14.12 20.80 -19.98
N HIS A 44 -14.86 20.47 -21.03
CA HIS A 44 -15.34 21.48 -21.96
C HIS A 44 -16.38 22.36 -21.29
N GLN A 45 -17.29 21.73 -20.57
CA GLN A 45 -18.36 22.46 -19.86
C GLN A 45 -17.83 23.33 -18.72
N THR A 46 -16.67 22.97 -18.19
CA THR A 46 -15.98 23.73 -17.17
C THR A 46 -15.33 24.92 -17.84
N GLY A 47 -15.28 24.96 -19.17
CA GLY A 47 -14.69 26.10 -19.89
C GLY A 47 -13.34 25.86 -20.54
N TYR A 48 -12.89 24.60 -20.60
CA TYR A 48 -11.67 24.25 -21.34
C TYR A 48 -11.89 24.12 -22.85
N ARG A 49 -10.88 24.49 -23.61
CA ARG A 49 -10.73 24.00 -24.99
C ARG A 49 -9.99 22.65 -24.94
N VAL A 50 -10.43 21.72 -25.77
CA VAL A 50 -9.98 20.36 -25.67
C VAL A 50 -9.49 19.83 -27.00
N VAL A 51 -8.29 19.20 -26.98
CA VAL A 51 -7.84 18.31 -28.03
C VAL A 51 -8.38 16.91 -27.78
N ILE A 52 -9.20 16.41 -28.69
CA ILE A 52 -9.76 15.05 -28.66
C ILE A 52 -8.83 14.10 -29.42
N HIS A 53 -7.96 13.43 -28.68
CA HIS A 53 -7.09 12.46 -29.30
C HIS A 53 -7.86 11.20 -29.53
N TYR A 54 -7.55 10.55 -30.63
CA TYR A 54 -8.18 9.29 -30.94
C TYR A 54 -7.19 8.44 -31.78
N HIS A 55 -7.52 7.17 -31.91
CA HIS A 55 -6.70 6.27 -32.71
C HIS A 55 -7.45 5.77 -33.94
N ASN A 56 -8.40 4.87 -33.75
CA ASN A 56 -9.17 4.34 -34.86
C ASN A 56 -10.56 4.98 -34.98
N SER A 57 -11.07 5.61 -33.90
CA SER A 57 -12.47 6.04 -33.84
C SER A 57 -12.65 7.44 -34.37
N ALA A 58 -12.30 7.63 -35.65
CA ALA A 58 -12.32 8.95 -36.28
C ALA A 58 -13.70 9.59 -36.31
N GLU A 59 -14.72 8.77 -36.55
CA GLU A 59 -16.07 9.25 -36.79
C GLU A 59 -16.64 9.82 -35.48
N ALA A 60 -16.57 9.01 -34.42
CA ALA A 60 -17.00 9.42 -33.10
C ALA A 60 -16.24 10.70 -32.59
N ALA A 61 -14.95 10.76 -32.94
CA ALA A 61 -14.06 11.86 -32.53
C ALA A 61 -14.45 13.19 -33.17
N VAL A 62 -14.67 13.21 -34.49
CA VAL A 62 -15.03 14.49 -35.12
C VAL A 62 -16.46 14.84 -34.77
N SER A 63 -17.29 13.82 -34.65
CA SER A 63 -18.64 14.00 -34.21
C SER A 63 -18.69 14.67 -32.81
N LEU A 64 -17.83 14.25 -31.88
CA LEU A 64 -17.71 14.95 -30.59
C LEU A 64 -17.20 16.38 -30.76
N ALA A 65 -16.22 16.56 -31.63
CA ALA A 65 -15.61 17.85 -31.78
C ALA A 65 -16.64 18.82 -32.36
N ASP A 66 -17.49 18.32 -33.26
CA ASP A 66 -18.60 19.10 -33.87
C ASP A 66 -19.57 19.56 -32.79
N GLU A 67 -20.07 18.61 -32.00
CA GLU A 67 -20.94 18.97 -30.89
C GLU A 67 -20.40 20.09 -30.01
N LEU A 68 -19.12 19.99 -29.65
CA LEU A 68 -18.54 20.89 -28.70
C LEU A 68 -18.28 22.22 -29.36
N ASN A 69 -17.87 22.20 -30.62
CA ASN A 69 -17.66 23.45 -31.34
C ASN A 69 -18.98 24.19 -31.59
N LYS A 70 -20.07 23.45 -31.74
CA LYS A 70 -21.40 24.02 -31.78
C LYS A 70 -21.81 24.73 -30.49
N GLU A 71 -21.25 24.34 -29.35
CA GLU A 71 -21.51 25.06 -28.10
C GLU A 71 -20.63 26.31 -27.98
N ARG A 72 -19.35 26.16 -28.31
CA ARG A 72 -18.46 27.30 -28.32
C ARG A 72 -17.53 27.06 -29.48
N SER A 73 -17.56 27.98 -30.44
CA SER A 73 -16.86 27.72 -31.67
C SER A 73 -15.34 27.83 -31.43
N ASN A 74 -14.56 27.00 -32.13
CA ASN A 74 -13.10 26.99 -32.00
C ASN A 74 -12.61 26.53 -30.62
N THR A 75 -13.34 25.62 -29.99
CA THR A 75 -12.92 25.09 -28.69
C THR A 75 -12.58 23.58 -28.64
N ALA A 76 -12.63 22.91 -29.77
CA ALA A 76 -12.34 21.50 -29.84
C ALA A 76 -11.69 21.15 -31.18
N VAL A 77 -10.66 20.30 -31.13
CA VAL A 77 -10.05 19.76 -32.35
C VAL A 77 -9.71 18.29 -32.13
N VAL A 78 -9.64 17.53 -33.20
CA VAL A 78 -9.23 16.14 -33.09
C VAL A 78 -7.75 15.99 -33.37
N CYS A 79 -7.20 14.86 -32.98
CA CYS A 79 -5.75 14.60 -33.20
C CYS A 79 -5.53 13.11 -33.17
N GLN A 80 -5.14 12.58 -34.32
CA GLN A 80 -5.00 11.14 -34.52
C GLN A 80 -3.57 10.75 -34.14
N ALA A 81 -3.45 9.67 -33.36
CA ALA A 81 -2.13 9.06 -33.08
C ALA A 81 -2.29 7.63 -32.59
N ASP A 82 -1.44 6.74 -33.11
CA ASP A 82 -1.22 5.44 -32.52
C ASP A 82 -0.27 5.60 -31.34
N LEU A 83 -0.64 5.10 -30.17
CA LEU A 83 0.17 5.20 -28.97
C LEU A 83 0.87 3.90 -28.59
N THR A 84 0.91 2.94 -29.52
CA THR A 84 1.71 1.69 -29.43
C THR A 84 3.19 2.07 -29.25
N ASN A 85 3.93 1.36 -28.43
CA ASN A 85 5.34 1.68 -28.31
C ASN A 85 6.04 1.44 -29.64
N SER A 86 6.96 2.34 -29.99
CA SER A 86 7.76 2.15 -31.19
C SER A 86 8.86 3.19 -31.10
N ASN A 87 9.82 3.14 -32.00
CA ASN A 87 10.80 4.20 -32.01
C ASN A 87 10.24 5.60 -32.41
N VAL A 88 9.07 5.72 -32.99
CA VAL A 88 8.58 7.05 -33.30
CA VAL A 88 8.53 7.03 -33.35
C VAL A 88 7.53 7.52 -32.29
N LEU A 89 7.27 6.68 -31.29
CA LEU A 89 6.27 7.07 -30.33
C LEU A 89 6.63 8.41 -29.68
N PRO A 90 7.92 8.65 -29.34
CA PRO A 90 8.19 9.95 -28.73
C PRO A 90 7.78 11.12 -29.63
N ALA A 91 8.09 11.01 -30.93
CA ALA A 91 7.65 12.01 -31.88
C ALA A 91 6.14 12.09 -31.94
N SER A 92 5.42 10.97 -31.89
CA SER A 92 3.96 11.05 -31.95
C SER A 92 3.39 11.78 -30.74
N CYS A 93 3.98 11.57 -29.56
CA CYS A 93 3.45 12.14 -28.34
C CYS A 93 3.80 13.60 -28.28
N GLU A 94 5.01 13.91 -28.72
CA GLU A 94 5.39 15.32 -28.85
C GLU A 94 4.45 16.07 -29.79
N GLU A 95 4.01 15.42 -30.87
CA GLU A 95 3.12 16.09 -31.81
C GLU A 95 1.70 16.25 -31.25
N ILE A 96 1.22 15.35 -30.41
CA ILE A 96 -0.08 15.56 -29.69
C ILE A 96 -0.10 16.85 -28.86
N ILE A 97 0.95 17.06 -28.10
CA ILE A 97 1.09 18.28 -27.32
C ILE A 97 1.24 19.48 -28.26
N ASN A 98 2.15 19.38 -29.22
CA ASN A 98 2.26 20.43 -30.25
C ASN A 98 0.91 20.78 -30.83
N SER A 99 0.04 19.80 -31.09
CA SER A 99 -1.30 20.08 -31.67
C SER A 99 -2.20 20.93 -30.77
N CYS A 100 -2.01 20.84 -29.46
CA CYS A 100 -2.81 21.64 -28.54
C CYS A 100 -2.29 23.09 -28.58
N PHE A 101 -0.97 23.25 -28.54
CA PHE A 101 -0.39 24.59 -28.62
C PHE A 101 -0.76 25.25 -29.97
N ARG A 102 -0.87 24.45 -31.03
CA ARG A 102 -1.09 24.98 -32.34
C ARG A 102 -2.54 25.48 -32.46
N ALA A 103 -3.48 24.72 -31.91
CA ALA A 103 -4.86 25.10 -31.94
C ALA A 103 -5.13 26.21 -30.95
N PHE A 104 -4.46 26.20 -29.79
CA PHE A 104 -4.95 27.02 -28.68
C PHE A 104 -3.94 27.92 -27.96
N GLY A 105 -2.65 27.78 -28.27
CA GLY A 105 -1.63 28.68 -27.75
C GLY A 105 -1.15 28.33 -26.37
N ARG A 106 -1.65 27.20 -25.86
CA ARG A 106 -1.27 26.74 -24.53
C ARG A 106 -1.69 25.29 -24.34
N CYS A 107 -1.26 24.73 -23.22
CA CYS A 107 -1.67 23.39 -22.82
C CYS A 107 -1.54 23.33 -21.32
N ASP A 108 -2.69 23.36 -20.67
CA ASP A 108 -2.75 23.44 -19.22
C ASP A 108 -2.93 22.08 -18.54
N VAL A 109 -3.74 21.20 -19.17
CA VAL A 109 -4.11 19.92 -18.66
C VAL A 109 -3.85 18.78 -19.68
N LEU A 110 -3.32 17.67 -19.15
CA LEU A 110 -3.10 16.44 -19.90
C LEU A 110 -3.79 15.32 -19.15
N VAL A 111 -4.74 14.65 -19.81
CA VAL A 111 -5.37 13.47 -19.25
C VAL A 111 -4.96 12.20 -20.04
N ASN A 112 -4.32 11.25 -19.34
CA ASN A 112 -3.81 10.04 -19.98
C ASN A 112 -4.87 8.95 -19.76
N ASN A 113 -5.71 8.81 -20.77
CA ASN A 113 -6.87 7.98 -20.67
C ASN A 113 -6.74 6.82 -21.62
N ALA A 114 -6.14 7.02 -22.80
CA ALA A 114 -6.13 5.96 -23.79
C ALA A 114 -5.49 4.69 -23.20
N SER A 115 -6.03 3.53 -23.52
CA SER A 115 -5.52 2.31 -22.98
C SER A 115 -5.91 1.10 -23.83
N ALA A 116 -4.95 0.25 -24.14
CA ALA A 116 -5.24 -1.08 -24.69
C ALA A 116 -5.55 -2.02 -23.53
N PHE A 117 -6.51 -2.93 -23.74
CA PHE A 117 -7.01 -3.77 -22.66
C PHE A 117 -7.46 -5.13 -23.17
N TYR A 118 -6.64 -6.14 -22.95
CA TYR A 118 -7.02 -7.50 -23.36
C TYR A 118 -6.05 -8.44 -22.67
N PRO A 119 -6.44 -9.73 -22.57
CA PRO A 119 -5.66 -10.73 -21.83
C PRO A 119 -4.37 -11.17 -22.53
N THR A 120 -3.37 -11.54 -21.74
CA THR A 120 -2.13 -12.13 -22.28
C THR A 120 -1.65 -13.23 -21.36
N PRO A 121 -2.30 -14.42 -21.46
CA PRO A 121 -2.01 -15.56 -20.58
C PRO A 121 -0.52 -15.89 -20.57
N LEU A 122 0.00 -16.35 -19.43
CA LEU A 122 1.43 -16.65 -19.31
C LEU A 122 1.71 -18.03 -19.87
N VAL A 123 0.71 -18.92 -19.81
CA VAL A 123 0.78 -20.28 -20.34
C VAL A 123 -0.22 -20.50 -21.50
N GLN A 124 0.29 -20.96 -22.66
CA GLN A 124 -0.54 -21.32 -23.83
C GLN A 124 -0.66 -22.83 -23.89
N GLY A 133 -3.41 -14.67 -33.69
CA GLY A 133 -3.53 -13.29 -33.23
C GLY A 133 -2.21 -12.53 -33.21
N LYS A 134 -2.10 -11.60 -32.28
CA LYS A 134 -0.94 -10.73 -32.17
C LYS A 134 0.31 -11.48 -31.70
N THR A 135 1.47 -11.07 -32.19
CA THR A 135 2.73 -11.53 -31.59
C THR A 135 2.86 -10.95 -30.17
N VAL A 136 3.75 -11.52 -29.36
CA VAL A 136 3.90 -11.05 -27.99
C VAL A 136 4.63 -9.71 -27.97
N GLU A 137 5.54 -9.49 -28.93
CA GLU A 137 6.19 -8.19 -29.10
C GLU A 137 5.14 -7.11 -29.25
N THR A 138 4.09 -7.42 -29.99
CA THR A 138 3.02 -6.48 -30.34
C THR A 138 2.09 -6.28 -29.13
N GLN A 139 1.79 -7.37 -28.44
CA GLN A 139 1.05 -7.29 -27.17
C GLN A 139 1.82 -6.39 -26.19
N VAL A 140 3.14 -6.56 -26.08
CA VAL A 140 3.94 -5.71 -25.16
C VAL A 140 3.87 -4.23 -25.58
N ALA A 141 4.11 -3.98 -26.84
CA ALA A 141 4.16 -2.64 -27.38
C ALA A 141 2.82 -1.93 -27.17
N GLU A 142 1.70 -2.62 -27.34
CA GLU A 142 0.37 -2.03 -27.23
C GLU A 142 -0.01 -1.83 -25.76
N LEU A 143 0.21 -2.88 -24.97
CA LEU A 143 -0.28 -2.82 -23.62
C LEU A 143 0.63 -1.94 -22.76
N ILE A 144 1.92 -2.10 -22.88
CA ILE A 144 2.83 -1.26 -22.13
C ILE A 144 2.87 0.16 -22.75
N GLY A 145 2.72 0.25 -24.07
CA GLY A 145 2.79 1.54 -24.77
C GLY A 145 1.67 2.47 -24.38
N THR A 146 0.44 1.99 -24.51
CA THR A 146 -0.72 2.83 -24.27
C THR A 146 -0.83 3.20 -22.81
N ASN A 147 -0.64 2.19 -21.97
CA ASN A 147 -0.86 2.34 -20.53
C ASN A 147 0.31 2.99 -19.76
N ALA A 148 1.53 2.99 -20.30
CA ALA A 148 2.69 3.48 -19.52
C ALA A 148 3.67 4.36 -20.29
N ILE A 149 4.10 3.90 -21.45
CA ILE A 149 5.16 4.58 -22.16
C ILE A 149 4.62 5.84 -22.80
N ALA A 150 3.54 5.73 -23.52
CA ALA A 150 2.94 6.95 -24.08
C ALA A 150 2.67 7.99 -23.00
N PRO A 151 2.05 7.59 -21.87
CA PRO A 151 1.91 8.60 -20.83
C PRO A 151 3.18 9.25 -20.35
N PHE A 152 4.25 8.50 -20.31
CA PHE A 152 5.56 9.05 -19.87
C PHE A 152 6.08 10.07 -20.88
N LEU A 153 6.01 9.70 -22.15
CA LEU A 153 6.45 10.56 -23.23
C LEU A 153 5.60 11.79 -23.32
N LEU A 154 4.28 11.61 -23.26
CA LEU A 154 3.39 12.77 -23.22
C LEU A 154 3.69 13.69 -22.05
N THR A 155 3.99 13.12 -20.89
CA THR A 155 4.42 13.90 -19.71
C THR A 155 5.72 14.66 -19.97
N MET A 156 6.72 14.01 -20.58
CA MET A 156 7.97 14.72 -20.92
C MET A 156 7.62 15.93 -21.80
N SER A 157 6.76 15.69 -22.79
CA SER A 157 6.49 16.69 -23.78
C SER A 157 5.69 17.83 -23.19
N PHE A 158 4.76 17.51 -22.29
CA PHE A 158 3.91 18.52 -21.70
C PHE A 158 4.77 19.45 -20.85
N ALA A 159 5.63 18.85 -20.04
CA ALA A 159 6.51 19.60 -19.13
C ALA A 159 7.47 20.49 -19.95
N GLN A 160 8.12 19.90 -20.95
CA GLN A 160 9.08 20.60 -21.81
C GLN A 160 8.47 21.86 -22.48
N ARG A 161 7.21 21.80 -22.91
CA ARG A 161 6.55 22.98 -23.51
C ARG A 161 6.25 24.19 -22.61
N GLN A 162 6.26 24.08 -21.30
CA GLN A 162 5.66 25.15 -20.47
C GLN A 162 6.56 26.40 -20.34
N SER A 171 -0.46 33.37 -12.36
CA SER A 171 -1.21 32.32 -11.65
C SER A 171 -2.05 31.47 -12.61
N SER A 172 -1.51 30.31 -12.96
CA SER A 172 -2.20 29.30 -13.74
C SER A 172 -2.25 27.98 -12.93
N ASN A 173 -2.67 26.91 -13.58
CA ASN A 173 -2.97 25.68 -12.85
C ASN A 173 -2.75 24.49 -13.77
N LEU A 174 -1.48 24.13 -13.93
CA LEU A 174 -1.04 23.04 -14.82
C LEU A 174 -1.15 21.68 -14.09
N SER A 175 -1.79 20.68 -14.72
CA SER A 175 -1.76 19.32 -14.15
C SER A 175 -1.99 18.23 -15.14
N ILE A 176 -1.61 17.04 -14.70
CA ILE A 176 -1.73 15.82 -15.46
C ILE A 176 -2.59 14.90 -14.62
N VAL A 177 -3.50 14.19 -15.27
CA VAL A 177 -4.33 13.22 -14.59
C VAL A 177 -4.17 11.88 -15.33
N ASN A 178 -3.75 10.86 -14.61
CA ASN A 178 -3.54 9.58 -15.23
C ASN A 178 -4.71 8.68 -14.84
N LEU A 179 -5.26 7.99 -15.85
CA LEU A 179 -6.33 7.01 -15.59
C LEU A 179 -5.68 5.67 -15.21
N CYS A 180 -5.75 5.37 -13.91
CA CYS A 180 -5.15 4.19 -13.31
C CYS A 180 -6.23 3.11 -13.16
N ASP A 181 -6.09 2.22 -12.19
CA ASP A 181 -6.94 1.07 -12.07
C ASP A 181 -6.90 0.69 -10.57
N ALA A 182 -8.04 0.77 -9.90
CA ALA A 182 -8.15 0.49 -8.50
C ALA A 182 -7.89 -0.98 -8.15
N MET A 183 -7.96 -1.87 -9.14
CA MET A 183 -7.79 -3.29 -8.92
C MET A 183 -6.37 -3.79 -9.25
N VAL A 184 -5.40 -2.89 -9.41
CA VAL A 184 -4.06 -3.33 -9.73
C VAL A 184 -3.45 -4.34 -8.77
N ASP A 185 -3.81 -4.28 -7.51
CA ASP A 185 -3.28 -5.25 -6.56
C ASP A 185 -4.15 -6.47 -6.36
N GLN A 186 -5.30 -6.50 -7.01
CA GLN A 186 -6.11 -7.71 -7.06
C GLN A 186 -6.46 -7.91 -8.52
N PRO A 187 -5.49 -8.33 -9.33
CA PRO A 187 -5.75 -8.12 -10.73
C PRO A 187 -6.66 -9.20 -11.35
N CYS A 188 -7.22 -8.85 -12.54
CA CYS A 188 -7.86 -9.78 -13.48
C CYS A 188 -6.93 -10.92 -13.88
N MET A 189 -7.45 -12.12 -13.83
CA MET A 189 -6.70 -13.31 -14.18
C MET A 189 -6.24 -13.24 -15.64
N ALA A 190 -4.96 -13.56 -15.89
CA ALA A 190 -4.37 -13.58 -17.24
C ALA A 190 -4.23 -12.22 -17.96
N PHE A 191 -4.18 -11.13 -17.20
CA PHE A 191 -3.98 -9.81 -17.76
C PHE A 191 -2.63 -9.21 -17.29
N SER A 192 -1.59 -10.02 -17.19
CA SER A 192 -0.33 -9.50 -16.61
C SER A 192 0.24 -8.27 -17.31
N LEU A 193 0.23 -8.22 -18.64
CA LEU A 193 0.83 -7.08 -19.31
C LEU A 193 0.06 -5.79 -19.11
N TYR A 194 -1.26 -5.87 -19.19
CA TYR A 194 -2.08 -4.77 -18.83
C TYR A 194 -1.79 -4.33 -17.41
N ASN A 195 -1.80 -5.28 -16.49
CA ASN A 195 -1.62 -4.98 -15.10
C ASN A 195 -0.24 -4.36 -14.83
N MET A 196 0.76 -4.82 -15.57
CA MET A 196 2.11 -4.26 -15.49
C MET A 196 2.13 -2.84 -15.97
N GLY A 197 1.38 -2.61 -17.05
CA GLY A 197 1.19 -1.27 -17.61
C GLY A 197 0.58 -0.31 -16.57
N LYS A 198 -0.49 -0.73 -15.94
CA LYS A 198 -1.14 0.09 -14.91
C LYS A 198 -0.31 0.31 -13.68
N HIS A 199 0.48 -0.68 -13.26
CA HIS A 199 1.40 -0.46 -12.13
C HIS A 199 2.44 0.57 -12.52
N ALA A 200 2.94 0.48 -13.75
CA ALA A 200 3.95 1.41 -14.24
C ALA A 200 3.40 2.81 -14.25
N LEU A 201 2.11 2.94 -14.54
CA LEU A 201 1.49 4.24 -14.60
C LEU A 201 1.40 4.84 -13.18
N VAL A 202 1.24 3.97 -12.18
CA VAL A 202 1.34 4.43 -10.79
C VAL A 202 2.75 4.96 -10.52
N GLY A 203 3.77 4.21 -10.96
CA GLY A 203 5.15 4.68 -10.79
C GLY A 203 5.42 6.00 -11.47
N LEU A 204 4.94 6.15 -12.71
CA LEU A 204 5.00 7.46 -13.40
C LEU A 204 4.30 8.59 -12.62
N THR A 205 3.10 8.30 -12.14
CA THR A 205 2.34 9.33 -11.43
C THR A 205 3.13 9.86 -10.25
N GLN A 206 3.74 8.93 -9.53
CA GLN A 206 4.52 9.29 -8.38
C GLN A 206 5.81 9.98 -8.77
N SER A 207 6.59 9.38 -9.68
CA SER A 207 7.88 9.94 -10.10
C SER A 207 7.69 11.30 -10.74
N ALA A 208 6.70 11.41 -11.62
CA ALA A 208 6.42 12.69 -12.23
C ALA A 208 5.93 13.77 -11.23
N ALA A 209 5.06 13.40 -10.28
CA ALA A 209 4.61 14.41 -9.30
C ALA A 209 5.80 15.00 -8.54
N LEU A 210 6.73 14.14 -8.20
CA LEU A 210 7.95 14.53 -7.48
C LEU A 210 8.85 15.39 -8.35
N GLU A 211 9.08 14.97 -9.58
CA GLU A 211 10.03 15.70 -10.43
C GLU A 211 9.42 16.98 -11.00
N LEU A 212 8.13 17.04 -11.22
CA LEU A 212 7.50 18.22 -11.83
C LEU A 212 6.93 19.31 -10.86
N ALA A 213 6.84 18.98 -9.59
CA ALA A 213 6.34 19.89 -8.58
C ALA A 213 7.05 21.24 -8.58
N PRO A 214 8.38 21.27 -8.66
CA PRO A 214 9.07 22.57 -8.78
C PRO A 214 8.61 23.44 -9.97
N TYR A 215 8.03 22.85 -11.01
CA TYR A 215 7.46 23.58 -12.16
C TYR A 215 5.97 23.91 -11.99
N GLY A 216 5.43 23.62 -10.79
CA GLY A 216 4.03 23.89 -10.52
C GLY A 216 3.14 22.97 -11.33
N ILE A 217 3.67 21.83 -11.80
CA ILE A 217 2.85 20.81 -12.50
C ILE A 217 2.46 19.69 -11.54
N ARG A 218 1.18 19.56 -11.28
CA ARG A 218 0.72 18.54 -10.36
C ARG A 218 0.45 17.30 -11.21
N VAL A 219 0.69 16.11 -10.67
CA VAL A 219 0.43 14.85 -11.36
C VAL A 219 -0.34 13.92 -10.42
N ASN A 220 -1.55 13.54 -10.82
CA ASN A 220 -2.40 12.72 -9.98
C ASN A 220 -3.01 11.67 -10.82
N GLY A 221 -3.79 10.78 -10.19
CA GLY A 221 -4.48 9.75 -10.88
C GLY A 221 -5.91 9.57 -10.43
N VAL A 222 -6.65 8.89 -11.29
CA VAL A 222 -8.02 8.47 -11.02
C VAL A 222 -8.15 6.99 -11.37
N ALA A 223 -8.65 6.23 -10.42
CA ALA A 223 -8.59 4.82 -10.52
C ALA A 223 -10.01 4.26 -10.39
N PRO A 224 -10.65 4.03 -11.53
CA PRO A 224 -11.91 3.28 -11.58
C PRO A 224 -11.72 1.83 -11.11
N GLY A 225 -12.76 1.21 -10.59
CA GLY A 225 -12.77 -0.23 -10.37
C GLY A 225 -13.43 -0.81 -11.59
N VAL A 226 -14.74 -0.88 -11.55
CA VAL A 226 -15.57 -1.09 -12.73
C VAL A 226 -16.35 0.17 -13.09
N SER A 227 -16.17 0.67 -14.31
CA SER A 227 -17.02 1.73 -14.83
C SER A 227 -17.67 1.08 -16.08
N LEU A 228 -17.78 1.82 -17.18
CA LEU A 228 -18.39 1.21 -18.37
C LEU A 228 -17.69 -0.12 -18.70
N LEU A 229 -18.47 -1.17 -18.78
CA LEU A 229 -17.91 -2.43 -19.11
C LEU A 229 -17.63 -2.49 -20.63
N PRO A 230 -16.72 -3.41 -21.03
CA PRO A 230 -16.39 -3.54 -22.43
C PRO A 230 -17.64 -3.84 -23.26
N VAL A 231 -17.71 -3.30 -24.48
CA VAL A 231 -18.88 -3.46 -25.34
C VAL A 231 -19.09 -4.94 -25.68
N ALA A 232 -17.99 -5.64 -25.90
CA ALA A 232 -18.05 -7.08 -26.16
C ALA A 232 -18.49 -7.92 -24.96
N MET A 233 -18.53 -7.37 -23.77
CA MET A 233 -18.95 -8.20 -22.65
C MET A 233 -20.44 -8.59 -22.72
N GLY A 234 -20.74 -9.84 -22.39
CA GLY A 234 -22.13 -10.30 -22.27
C GLY A 234 -22.80 -9.65 -21.07
N GLU A 235 -24.08 -9.32 -21.17
CA GLU A 235 -24.79 -8.69 -20.06
C GLU A 235 -24.75 -9.54 -18.78
N GLU A 236 -24.82 -10.86 -18.91
CA GLU A 236 -24.82 -11.74 -17.75
C GLU A 236 -23.53 -11.50 -16.95
N GLU A 237 -22.45 -11.35 -17.72
CA GLU A 237 -21.10 -11.14 -17.20
C GLU A 237 -20.87 -9.74 -16.64
N LYS A 238 -21.48 -8.72 -17.26
CA LYS A 238 -21.51 -7.37 -16.67
C LYS A 238 -22.13 -7.39 -15.28
N ASP A 239 -23.27 -8.07 -15.15
CA ASP A 239 -24.02 -8.14 -13.88
C ASP A 239 -23.26 -8.83 -12.79
N LYS A 240 -22.49 -9.84 -13.16
CA LYS A 240 -21.53 -10.48 -12.22
C LYS A 240 -20.60 -9.46 -11.59
N TRP A 241 -20.03 -8.57 -12.40
CA TRP A 241 -19.16 -7.55 -11.88
C TRP A 241 -19.93 -6.51 -11.10
N ARG A 242 -21.11 -6.11 -11.63
CA ARG A 242 -21.97 -5.14 -10.92
C ARG A 242 -22.36 -5.61 -9.51
N ARG A 243 -22.73 -6.88 -9.39
CA ARG A 243 -23.13 -7.41 -8.10
C ARG A 243 -22.00 -7.39 -7.06
N LYS A 244 -20.76 -7.29 -7.51
CA LYS A 244 -19.61 -7.25 -6.58
C LYS A 244 -19.38 -5.90 -5.88
N VAL A 245 -20.01 -4.84 -6.40
CA VAL A 245 -19.75 -3.48 -5.94
C VAL A 245 -20.59 -3.17 -4.71
N PRO A 246 -19.97 -2.88 -3.56
CA PRO A 246 -20.84 -2.64 -2.37
C PRO A 246 -21.77 -1.41 -2.47
N LEU A 247 -21.27 -0.33 -3.07
CA LEU A 247 -22.02 0.92 -3.15
C LEU A 247 -22.94 0.98 -4.40
N GLY A 248 -24.08 0.33 -4.31
CA GLY A 248 -25.11 0.39 -5.32
C GLY A 248 -25.20 -0.84 -6.21
N ARG A 249 -24.26 -1.78 -6.11
CA ARG A 249 -24.21 -2.95 -7.01
C ARG A 249 -24.24 -2.59 -8.46
N ARG A 250 -23.59 -1.49 -8.82
CA ARG A 250 -23.57 -0.99 -10.20
CA ARG A 250 -23.60 -0.94 -10.16
C ARG A 250 -22.19 -0.41 -10.45
N GLU A 251 -21.89 -0.24 -11.75
CA GLU A 251 -20.62 0.30 -12.22
C GLU A 251 -20.67 1.81 -12.16
N ALA A 252 -19.49 2.46 -12.08
CA ALA A 252 -19.42 3.88 -12.21
C ALA A 252 -19.89 4.31 -13.60
N SER A 253 -20.70 5.37 -13.64
CA SER A 253 -20.96 6.08 -14.89
C SER A 253 -19.65 6.75 -15.29
N ALA A 254 -19.52 7.07 -16.56
CA ALA A 254 -18.37 7.69 -17.08
C ALA A 254 -18.27 9.13 -16.51
N GLU A 255 -19.43 9.72 -16.28
CA GLU A 255 -19.50 11.03 -15.66
C GLU A 255 -18.93 11.01 -14.25
N GLN A 256 -19.25 9.97 -13.49
CA GLN A 256 -18.66 9.82 -12.15
C GLN A 256 -17.12 9.72 -12.18
N ILE A 257 -16.54 9.06 -13.19
CA ILE A 257 -15.07 9.07 -13.32
C ILE A 257 -14.59 10.50 -13.64
N ALA A 258 -15.27 11.14 -14.57
CA ALA A 258 -14.90 12.49 -15.06
C ALA A 258 -14.98 13.53 -13.95
N ASP A 259 -15.92 13.35 -13.02
CA ASP A 259 -16.02 14.23 -11.85
C ASP A 259 -14.74 14.27 -11.04
N ALA A 260 -14.10 13.12 -10.89
CA ALA A 260 -12.88 13.05 -10.04
C ALA A 260 -11.70 13.68 -10.77
N VAL A 261 -11.65 13.46 -12.10
CA VAL A 261 -10.72 14.19 -12.96
C VAL A 261 -10.90 15.70 -12.83
N ILE A 262 -12.14 16.16 -12.96
CA ILE A 262 -12.42 17.59 -12.84
C ILE A 262 -12.01 18.15 -11.50
N PHE A 263 -12.24 17.38 -10.45
CA PHE A 263 -11.76 17.85 -9.14
C PHE A 263 -10.25 18.05 -9.16
N LEU A 264 -9.53 17.05 -9.67
CA LEU A 264 -8.07 17.10 -9.56
C LEU A 264 -7.43 18.22 -10.36
N VAL A 265 -8.04 18.60 -11.48
CA VAL A 265 -7.45 19.67 -12.28
C VAL A 265 -7.86 21.03 -11.75
N SER A 266 -8.92 21.07 -10.91
CA SER A 266 -9.51 22.30 -10.37
C SER A 266 -8.67 22.99 -9.32
N GLY A 267 -9.01 24.24 -9.04
CA GLY A 267 -8.37 25.04 -7.96
C GLY A 267 -8.61 24.51 -6.55
N SER A 268 -9.62 23.67 -6.38
CA SER A 268 -9.80 22.93 -5.13
C SER A 268 -8.80 21.78 -4.86
N ALA A 269 -7.84 21.53 -5.77
CA ALA A 269 -6.84 20.47 -5.60
C ALA A 269 -5.41 20.96 -5.75
N GLN A 270 -5.20 22.25 -5.59
CA GLN A 270 -3.90 22.83 -5.86
C GLN A 270 -2.77 22.46 -4.97
N TYR A 271 -3.05 21.80 -3.85
CA TYR A 271 -1.99 21.20 -3.06
C TYR A 271 -1.85 19.69 -3.29
N ILE A 272 -2.70 19.11 -4.15
CA ILE A 272 -2.72 17.67 -4.37
C ILE A 272 -1.79 17.31 -5.51
N THR A 273 -0.81 16.49 -5.20
CA THR A 273 0.04 15.93 -6.25
C THR A 273 0.59 14.59 -5.78
N GLY A 274 0.64 13.65 -6.70
CA GLY A 274 1.05 12.30 -6.36
C GLY A 274 -0.07 11.45 -5.79
N SER A 275 -1.30 11.95 -5.86
CA SER A 275 -2.43 11.25 -5.26
C SER A 275 -3.21 10.53 -6.30
N ILE A 276 -3.67 9.33 -5.94
CA ILE A 276 -4.48 8.56 -6.82
C ILE A 276 -5.78 8.32 -6.16
N ILE A 277 -6.81 8.91 -6.71
CA ILE A 277 -8.13 8.80 -6.10
C ILE A 277 -8.86 7.60 -6.68
N LYS A 278 -9.16 6.60 -5.84
CA LYS A 278 -10.07 5.52 -6.25
C LYS A 278 -11.45 6.05 -6.44
N VAL A 279 -12.10 5.57 -7.50
CA VAL A 279 -13.53 5.78 -7.76
C VAL A 279 -14.15 4.43 -8.12
N ASP A 280 -14.28 3.56 -7.10
CA ASP A 280 -14.62 2.20 -7.31
C ASP A 280 -15.82 1.68 -6.53
N GLY A 281 -16.53 2.54 -5.79
CA GLY A 281 -17.73 2.06 -5.10
C GLY A 281 -17.42 1.05 -4.02
N GLY A 282 -16.16 0.99 -3.58
CA GLY A 282 -15.77 0.03 -2.53
C GLY A 282 -15.32 -1.33 -3.06
N LEU A 283 -15.28 -1.46 -4.39
CA LEU A 283 -14.96 -2.75 -5.05
C LEU A 283 -13.64 -3.31 -4.55
N SER A 284 -12.59 -2.46 -4.44
CA SER A 284 -11.24 -2.93 -4.07
C SER A 284 -11.13 -3.43 -2.63
N LEU A 285 -12.16 -3.20 -1.85
CA LEU A 285 -12.16 -3.59 -0.49
C LEU A 285 -12.86 -4.91 -0.28
N VAL A 286 -13.47 -5.48 -1.34
CA VAL A 286 -14.21 -6.73 -1.19
C VAL A 286 -13.26 -7.93 -1.40
N HIS A 287 -13.16 -8.79 -0.38
CA HIS A 287 -12.37 -10.00 -0.49
C HIS A 287 -12.98 -11.02 -1.43
N ALA A 288 -12.16 -11.99 -1.80
CA ALA A 288 -12.57 -13.01 -2.70
C ALA A 288 -13.75 -13.76 -2.07
N GLU B 22 -34.63 21.71 2.37
CA GLU B 22 -34.00 21.80 3.73
C GLU B 22 -32.45 21.61 3.72
N ALA B 23 -31.74 22.41 4.49
CA ALA B 23 -30.29 22.30 4.51
C ALA B 23 -29.80 21.04 5.30
N PRO B 24 -28.86 20.29 4.70
CA PRO B 24 -28.25 19.15 5.36
C PRO B 24 -27.48 19.58 6.60
N ALA B 25 -27.09 18.61 7.40
CA ALA B 25 -26.35 18.91 8.66
C ALA B 25 -25.03 18.13 8.77
N ALA B 26 -23.98 18.78 9.31
CA ALA B 26 -22.72 18.09 9.54
C ALA B 26 -22.22 18.22 10.99
N VAL B 27 -21.64 17.12 11.50
CA VAL B 27 -20.83 17.15 12.70
C VAL B 27 -19.35 17.20 12.31
N VAL B 28 -18.62 18.14 12.87
CA VAL B 28 -17.16 18.22 12.75
C VAL B 28 -16.59 18.16 14.14
N THR B 29 -15.81 17.11 14.45
CA THR B 29 -15.13 17.00 15.77
C THR B 29 -13.89 17.94 15.83
N GLY B 30 -13.59 18.49 16.99
CA GLY B 30 -12.45 19.39 17.16
C GLY B 30 -12.48 20.52 16.13
N ALA B 31 -13.62 21.20 16.06
CA ALA B 31 -13.92 22.21 15.05
C ALA B 31 -13.67 23.64 15.49
N ALA B 32 -13.09 23.85 16.65
CA ALA B 32 -12.93 25.21 17.18
C ALA B 32 -11.84 25.98 16.49
N LYS B 33 -10.88 25.27 15.93
CA LYS B 33 -9.62 25.88 15.50
C LYS B 33 -9.06 25.17 14.25
N ARG B 34 -8.13 25.85 13.59
CA ARG B 34 -7.24 25.22 12.65
C ARG B 34 -8.03 24.39 11.62
N ILE B 35 -7.72 23.12 11.40
CA ILE B 35 -8.28 22.45 10.26
C ILE B 35 -9.78 22.24 10.43
N GLY B 36 -10.22 21.73 11.57
CA GLY B 36 -11.64 21.47 11.76
C GLY B 36 -12.49 22.74 11.64
N ARG B 37 -11.99 23.86 12.14
CA ARG B 37 -12.72 25.12 11.95
C ARG B 37 -12.86 25.39 10.46
N ALA B 38 -11.78 25.22 9.70
CA ALA B 38 -11.83 25.57 8.28
C ALA B 38 -12.78 24.62 7.62
N ILE B 39 -12.83 23.38 8.10
CA ILE B 39 -13.80 22.43 7.61
C ILE B 39 -15.25 22.82 7.91
N ALA B 40 -15.49 23.28 9.14
CA ALA B 40 -16.85 23.63 9.53
C ALA B 40 -17.27 24.88 8.76
N VAL B 41 -16.35 25.83 8.60
CA VAL B 41 -16.62 27.05 7.82
C VAL B 41 -17.06 26.76 6.37
N LYS B 42 -16.32 25.91 5.68
CA LYS B 42 -16.62 25.63 4.28
C LYS B 42 -17.84 24.79 4.07
N LEU B 43 -18.04 23.86 4.97
CA LEU B 43 -19.26 23.12 5.00
C LEU B 43 -20.45 24.09 5.13
N HIS B 44 -20.31 25.09 6.01
CA HIS B 44 -21.39 26.03 6.28
C HIS B 44 -21.58 26.89 5.02
N GLN B 45 -20.48 27.43 4.51
CA GLN B 45 -20.47 28.11 3.22
C GLN B 45 -21.19 27.34 2.10
N THR B 46 -21.17 26.01 2.15
CA THR B 46 -21.79 25.19 1.11
C THR B 46 -23.27 24.98 1.41
N GLY B 47 -23.74 25.40 2.57
CA GLY B 47 -25.15 25.31 2.94
C GLY B 47 -25.46 24.28 4.00
N TYR B 48 -24.42 23.66 4.58
CA TYR B 48 -24.64 22.82 5.76
C TYR B 48 -24.95 23.63 7.03
N ARG B 49 -25.84 23.08 7.84
CA ARG B 49 -25.86 23.42 9.25
C ARG B 49 -24.78 22.58 9.99
N VAL B 50 -24.14 23.12 11.01
CA VAL B 50 -22.99 22.45 11.61
C VAL B 50 -23.09 22.29 13.12
N VAL B 51 -22.76 21.10 13.64
CA VAL B 51 -22.39 20.93 15.04
C VAL B 51 -20.88 21.08 15.14
N ILE B 52 -20.44 22.11 15.85
CA ILE B 52 -19.03 22.38 16.14
C ILE B 52 -18.65 21.69 17.46
N HIS B 53 -18.02 20.52 17.40
CA HIS B 53 -17.64 19.83 18.62
C HIS B 53 -16.32 20.42 19.12
N TYR B 54 -16.13 20.43 20.43
CA TYR B 54 -14.90 20.96 21.00
C TYR B 54 -14.68 20.23 22.29
N HIS B 55 -13.45 20.28 22.77
CA HIS B 55 -13.12 19.65 24.07
C HIS B 55 -12.84 20.76 25.09
N ASN B 56 -11.68 21.43 24.95
CA ASN B 56 -11.25 22.51 25.84
C ASN B 56 -11.42 23.92 25.24
N SER B 57 -11.58 24.06 23.93
CA SER B 57 -11.54 25.38 23.31
C SER B 57 -12.94 26.00 23.13
N ALA B 58 -13.65 26.22 24.24
CA ALA B 58 -15.05 26.65 24.22
C ALA B 58 -15.20 28.01 23.59
N GLU B 59 -14.30 28.91 23.95
CA GLU B 59 -14.41 30.26 23.53
C GLU B 59 -14.24 30.40 21.99
N ALA B 60 -13.26 29.71 21.40
CA ALA B 60 -13.18 29.70 19.96
C ALA B 60 -14.38 28.99 19.35
N ALA B 61 -14.85 27.92 19.95
CA ALA B 61 -15.99 27.19 19.35
C ALA B 61 -17.29 28.04 19.31
N VAL B 62 -17.57 28.68 20.44
CA VAL B 62 -18.69 29.62 20.56
C VAL B 62 -18.55 30.81 19.63
N SER B 63 -17.34 31.36 19.53
CA SER B 63 -17.07 32.45 18.61
C SER B 63 -17.27 32.05 17.16
N LEU B 64 -16.89 30.83 16.82
CA LEU B 64 -17.16 30.35 15.47
C LEU B 64 -18.66 30.23 15.26
N ALA B 65 -19.37 29.66 16.21
CA ALA B 65 -20.83 29.48 16.06
C ALA B 65 -21.54 30.82 15.89
N ASP B 66 -21.08 31.84 16.62
CA ASP B 66 -21.71 33.13 16.52
C ASP B 66 -21.50 33.76 15.11
N GLU B 67 -20.31 33.59 14.55
CA GLU B 67 -19.99 34.13 13.23
C GLU B 67 -20.87 33.40 12.22
N LEU B 68 -20.96 32.09 12.36
CA LEU B 68 -21.76 31.33 11.42
C LEU B 68 -23.25 31.68 11.54
N ASN B 69 -23.73 31.94 12.75
CA ASN B 69 -25.17 32.20 12.92
C ASN B 69 -25.57 33.60 12.47
N LYS B 70 -24.63 34.52 12.54
CA LYS B 70 -24.68 35.79 11.89
C LYS B 70 -24.91 35.65 10.39
N GLU B 71 -24.19 34.77 9.71
CA GLU B 71 -24.46 34.53 8.29
C GLU B 71 -25.88 34.01 8.09
N ARG B 72 -26.29 33.04 8.90
CA ARG B 72 -27.55 32.39 8.74
C ARG B 72 -28.04 31.94 10.10
N SER B 73 -29.14 32.50 10.55
CA SER B 73 -29.63 32.21 11.89
C SER B 73 -29.94 30.72 12.04
N ASN B 74 -29.65 30.19 13.23
CA ASN B 74 -29.97 28.80 13.57
C ASN B 74 -29.31 27.75 12.71
N THR B 75 -28.07 28.02 12.31
CA THR B 75 -27.35 27.05 11.50
C THR B 75 -26.10 26.42 12.16
N ALA B 76 -25.70 26.90 13.36
CA ALA B 76 -24.54 26.35 14.08
C ALA B 76 -24.85 26.18 15.57
N VAL B 77 -24.41 25.06 16.14
CA VAL B 77 -24.46 24.83 17.59
C VAL B 77 -23.13 24.21 18.00
N VAL B 78 -22.73 24.39 19.24
CA VAL B 78 -21.52 23.74 19.73
C VAL B 78 -21.90 22.54 20.57
N CYS B 79 -20.91 21.70 20.82
CA CYS B 79 -21.11 20.45 21.55
C CYS B 79 -19.80 20.01 22.18
N GLN B 80 -19.75 19.96 23.51
CA GLN B 80 -18.47 19.73 24.22
C GLN B 80 -18.39 18.26 24.61
N ALA B 81 -17.25 17.64 24.34
CA ALA B 81 -16.99 16.30 24.85
C ALA B 81 -15.52 15.96 24.74
N ASP B 82 -15.11 15.14 25.72
CA ASP B 82 -13.81 14.54 25.78
C ASP B 82 -13.94 13.26 24.98
N LEU B 83 -13.02 13.04 24.05
CA LEU B 83 -13.07 11.87 23.18
C LEU B 83 -12.00 10.83 23.56
N THR B 84 -11.36 11.02 24.73
CA THR B 84 -10.44 10.05 25.30
C THR B 84 -11.15 8.71 25.47
N ASN B 85 -10.48 7.62 25.20
CA ASN B 85 -11.11 6.32 25.46
C ASN B 85 -11.46 6.12 26.98
N SER B 86 -12.63 5.54 27.25
CA SER B 86 -13.12 5.32 28.58
C SER B 86 -14.44 4.57 28.49
N ASN B 87 -14.97 4.12 29.64
CA ASN B 87 -16.28 3.47 29.73
CA ASN B 87 -16.25 3.44 29.63
C ASN B 87 -17.44 4.40 29.36
N VAL B 88 -17.24 5.70 29.42
CA VAL B 88 -18.34 6.60 29.03
C VAL B 88 -18.26 7.11 27.58
N LEU B 89 -17.27 6.64 26.82
CA LEU B 89 -17.00 7.25 25.51
C LEU B 89 -18.14 6.97 24.55
N PRO B 90 -18.64 5.72 24.55
CA PRO B 90 -19.78 5.41 23.67
C PRO B 90 -20.95 6.34 23.86
N ALA B 91 -21.34 6.58 25.11
CA ALA B 91 -22.46 7.48 25.37
C ALA B 91 -22.11 8.86 24.92
N SER B 92 -20.88 9.31 25.18
CA SER B 92 -20.48 10.64 24.73
C SER B 92 -20.62 10.78 23.20
N CYS B 93 -20.16 9.78 22.46
CA CYS B 93 -20.25 9.82 21.00
C CYS B 93 -21.73 9.75 20.50
N GLU B 94 -22.53 8.89 21.08
CA GLU B 94 -23.97 8.87 20.81
C GLU B 94 -24.64 10.20 21.07
N GLU B 95 -24.23 10.87 22.14
CA GLU B 95 -24.75 12.17 22.49
C GLU B 95 -24.35 13.25 21.48
N ILE B 96 -23.16 13.16 20.92
CA ILE B 96 -22.75 14.13 19.89
C ILE B 96 -23.59 13.98 18.62
N ILE B 97 -23.78 12.75 18.15
CA ILE B 97 -24.71 12.52 17.05
C ILE B 97 -26.12 13.03 17.43
N ASN B 98 -26.62 12.67 18.61
CA ASN B 98 -27.94 13.13 19.02
C ASN B 98 -28.07 14.65 19.01
N SER B 99 -27.03 15.32 19.44
CA SER B 99 -27.04 16.76 19.43
C SER B 99 -27.33 17.33 18.01
N CYS B 100 -26.82 16.70 16.95
CA CYS B 100 -27.07 17.16 15.59
C CYS B 100 -28.53 17.00 15.21
N PHE B 101 -29.08 15.83 15.54
CA PHE B 101 -30.50 15.53 15.30
C PHE B 101 -31.43 16.45 16.04
N ARG B 102 -31.13 16.69 17.31
CA ARG B 102 -31.91 17.66 18.13
C ARG B 102 -31.82 19.07 17.58
N ALA B 103 -30.64 19.50 17.15
CA ALA B 103 -30.54 20.82 16.54
C ALA B 103 -31.21 20.90 15.20
N PHE B 104 -31.06 19.90 14.33
CA PHE B 104 -31.30 20.12 12.90
C PHE B 104 -32.25 19.14 12.27
N GLY B 105 -32.66 18.13 13.02
CA GLY B 105 -33.59 17.17 12.53
C GLY B 105 -32.96 16.08 11.68
N ARG B 106 -31.65 16.10 11.56
CA ARG B 106 -30.95 15.20 10.67
C ARG B 106 -29.43 15.30 10.85
N CYS B 107 -28.73 14.34 10.25
CA CYS B 107 -27.27 14.28 10.33
C CYS B 107 -26.80 13.56 9.08
N ASP B 108 -26.31 14.35 8.12
CA ASP B 108 -25.91 13.83 6.79
C ASP B 108 -24.40 13.59 6.69
N VAL B 109 -23.62 14.31 7.49
CA VAL B 109 -22.17 14.28 7.40
C VAL B 109 -21.51 14.26 8.79
N LEU B 110 -20.58 13.32 8.95
CA LEU B 110 -19.71 13.21 10.10
C LEU B 110 -18.26 13.39 9.59
N VAL B 111 -17.56 14.35 10.17
CA VAL B 111 -16.15 14.56 9.96
C VAL B 111 -15.39 14.34 11.25
N ASN B 112 -14.61 13.27 11.25
CA ASN B 112 -13.75 12.89 12.37
C ASN B 112 -12.36 13.54 12.20
N ASN B 113 -12.19 14.68 12.83
CA ASN B 113 -11.05 15.54 12.77
C ASN B 113 -10.31 15.68 14.12
N ALA B 114 -11.00 15.65 15.26
CA ALA B 114 -10.31 15.86 16.54
C ALA B 114 -9.25 14.82 16.73
N SER B 115 -8.13 15.22 17.30
CA SER B 115 -7.00 14.34 17.43
C SER B 115 -6.05 14.81 18.49
N ALA B 116 -5.67 13.89 19.38
CA ALA B 116 -4.50 14.13 20.25
C ALA B 116 -3.24 13.73 19.49
N PHE B 117 -2.15 14.45 19.79
CA PHE B 117 -0.92 14.33 19.06
C PHE B 117 0.26 14.77 19.92
N TYR B 118 1.12 13.82 20.25
CA TYR B 118 2.33 14.06 21.09
C TYR B 118 3.16 12.77 21.14
N PRO B 119 4.48 12.89 21.44
CA PRO B 119 5.32 11.68 21.41
C PRO B 119 5.02 10.75 22.54
N THR B 120 5.25 9.47 22.33
CA THR B 120 5.14 8.43 23.35
C THR B 120 6.31 7.48 23.13
N PRO B 121 7.53 7.92 23.50
CA PRO B 121 8.71 7.11 23.21
C PRO B 121 8.62 5.71 23.84
N LEU B 122 9.19 4.73 23.16
CA LEU B 122 9.18 3.35 23.61
C LEU B 122 10.17 3.09 24.73
N VAL B 123 11.24 3.88 24.80
CA VAL B 123 12.29 3.69 25.80
C VAL B 123 12.65 5.01 26.52
N GLN B 124 13.23 4.84 27.72
CA GLN B 124 13.27 5.85 28.83
C GLN B 124 11.88 6.14 29.39
N GLY B 133 3.84 14.20 33.07
CA GLY B 133 3.70 13.00 33.89
C GLY B 133 2.47 12.12 33.57
N LYS B 134 1.98 12.19 32.33
CA LYS B 134 0.87 11.31 31.91
C LYS B 134 1.32 9.86 32.00
N THR B 135 0.51 9.02 32.62
CA THR B 135 0.84 7.59 32.60
C THR B 135 0.66 7.01 31.19
N VAL B 136 1.17 5.80 30.97
CA VAL B 136 1.12 5.28 29.62
C VAL B 136 -0.33 4.92 29.28
N GLU B 137 -1.11 4.49 30.26
CA GLU B 137 -2.51 4.09 29.97
C GLU B 137 -3.37 5.32 29.61
N THR B 138 -3.01 6.50 30.12
CA THR B 138 -3.66 7.75 29.74
C THR B 138 -3.32 8.12 28.30
N GLN B 139 -2.06 7.92 27.91
CA GLN B 139 -1.60 8.23 26.58
C GLN B 139 -2.30 7.37 25.54
N VAL B 140 -2.38 6.08 25.86
CA VAL B 140 -3.14 5.13 25.10
C VAL B 140 -4.58 5.63 24.95
N ALA B 141 -5.22 5.93 26.06
CA ALA B 141 -6.62 6.37 26.05
C ALA B 141 -6.81 7.60 25.19
N GLU B 142 -5.90 8.58 25.31
CA GLU B 142 -6.05 9.82 24.55
C GLU B 142 -5.74 9.65 23.07
N LEU B 143 -4.61 9.00 22.79
CA LEU B 143 -4.10 8.91 21.43
C LEU B 143 -4.96 7.97 20.60
N ILE B 144 -5.29 6.81 21.17
CA ILE B 144 -6.05 5.82 20.46
C ILE B 144 -7.54 6.14 20.55
N GLY B 145 -7.97 6.75 21.65
CA GLY B 145 -9.37 7.24 21.75
C GLY B 145 -9.71 8.30 20.72
N THR B 146 -8.95 9.38 20.70
CA THR B 146 -9.31 10.48 19.79
C THR B 146 -9.19 10.06 18.32
N ASN B 147 -8.06 9.46 17.97
CA ASN B 147 -7.74 9.16 16.59
C ASN B 147 -8.48 7.95 16.01
N ALA B 148 -9.03 7.08 16.85
CA ALA B 148 -9.50 5.81 16.34
C ALA B 148 -10.82 5.31 16.94
N ILE B 149 -10.89 5.26 18.26
CA ILE B 149 -12.04 4.65 18.90
C ILE B 149 -13.24 5.59 18.86
N ALA B 150 -13.05 6.86 19.21
CA ALA B 150 -14.14 7.82 19.04
C ALA B 150 -14.67 7.84 17.60
N PRO B 151 -13.78 7.95 16.61
CA PRO B 151 -14.28 7.79 15.24
C PRO B 151 -15.16 6.56 14.99
N PHE B 152 -14.75 5.43 15.51
CA PHE B 152 -15.52 4.18 15.37
C PHE B 152 -16.91 4.29 16.02
N LEU B 153 -16.96 4.77 17.25
CA LEU B 153 -18.22 4.99 18.00
C LEU B 153 -19.11 6.06 17.37
N LEU B 154 -18.53 7.19 16.99
CA LEU B 154 -19.25 8.20 16.21
C LEU B 154 -19.87 7.57 14.93
N THR B 155 -19.10 6.70 14.26
CA THR B 155 -19.57 6.02 13.04
C THR B 155 -20.76 5.12 13.38
N MET B 156 -20.64 4.33 14.45
CA MET B 156 -21.72 3.49 14.90
C MET B 156 -22.97 4.28 15.17
N SER B 157 -22.85 5.36 15.95
CA SER B 157 -24.02 6.13 16.33
C SER B 157 -24.61 6.80 15.10
N PHE B 158 -23.74 7.26 14.21
CA PHE B 158 -24.16 7.89 12.98
C PHE B 158 -24.99 6.95 12.15
N ALA B 159 -24.52 5.73 11.99
CA ALA B 159 -25.19 4.74 11.13
C ALA B 159 -26.50 4.24 11.78
N GLN B 160 -26.45 3.97 13.08
CA GLN B 160 -27.61 3.58 13.85
C GLN B 160 -28.78 4.56 13.67
N ARG B 161 -28.50 5.87 13.63
CA ARG B 161 -29.54 6.86 13.47
C ARG B 161 -30.05 6.91 12.04
N GLN B 162 -29.40 6.26 11.07
CA GLN B 162 -29.95 6.12 9.68
C GLN B 162 -30.23 4.65 9.33
N SER B 171 -32.09 12.11 -3.71
CA SER B 171 -31.88 13.25 -2.83
C SER B 171 -30.69 13.11 -1.81
N SER B 172 -30.83 12.24 -0.81
CA SER B 172 -29.87 12.22 0.31
C SER B 172 -28.44 11.71 -0.06
N ASN B 173 -27.45 12.30 0.58
CA ASN B 173 -26.03 12.07 0.30
C ASN B 173 -25.33 12.01 1.65
N LEU B 174 -25.36 10.82 2.26
CA LEU B 174 -24.76 10.63 3.60
C LEU B 174 -23.29 10.22 3.49
N SER B 175 -22.39 10.89 4.21
CA SER B 175 -21.01 10.43 4.22
C SER B 175 -20.23 10.82 5.46
N ILE B 176 -19.08 10.15 5.61
CA ILE B 176 -18.17 10.34 6.72
C ILE B 176 -16.81 10.58 6.11
N VAL B 177 -16.06 11.52 6.66
CA VAL B 177 -14.72 11.75 6.23
C VAL B 177 -13.82 11.69 7.46
N ASN B 178 -12.81 10.82 7.44
CA ASN B 178 -11.88 10.70 8.54
C ASN B 178 -10.63 11.46 8.20
N LEU B 179 -10.14 12.26 9.13
CA LEU B 179 -8.85 12.93 8.92
C LEU B 179 -7.71 12.00 9.27
N CYS B 180 -7.09 11.51 8.21
CA CYS B 180 -6.00 10.51 8.26
C CYS B 180 -4.64 11.21 8.22
N ASP B 181 -3.61 10.55 7.73
CA ASP B 181 -2.27 11.11 7.83
C ASP B 181 -1.49 10.51 6.71
N ALA B 182 -1.03 11.36 5.80
CA ALA B 182 -0.26 10.95 4.61
C ALA B 182 1.09 10.29 4.90
N MET B 183 1.63 10.50 6.08
CA MET B 183 2.96 10.00 6.44
C MET B 183 2.89 8.73 7.27
N VAL B 184 1.72 8.08 7.23
CA VAL B 184 1.43 7.00 8.15
C VAL B 184 2.36 5.79 7.96
N ASP B 185 2.88 5.60 6.76
CA ASP B 185 3.92 4.61 6.49
C ASP B 185 5.37 5.02 6.60
N GLN B 186 5.59 6.30 6.89
CA GLN B 186 6.90 6.85 7.20
C GLN B 186 6.74 7.70 8.45
N PRO B 187 6.50 7.05 9.57
CA PRO B 187 6.04 7.82 10.70
C PRO B 187 7.12 8.72 11.39
N CYS B 188 6.61 9.71 12.15
CA CYS B 188 7.46 10.55 13.00
C CYS B 188 8.07 9.68 14.06
N MET B 189 9.34 9.91 14.33
CA MET B 189 10.06 9.16 15.35
C MET B 189 9.40 9.32 16.72
N ALA B 190 9.11 8.19 17.38
CA ALA B 190 8.63 8.17 18.76
C ALA B 190 7.16 8.63 18.90
N PHE B 191 6.40 8.56 17.81
CA PHE B 191 4.97 8.82 17.85
C PHE B 191 4.20 7.53 17.60
N SER B 192 4.62 6.44 18.24
CA SER B 192 4.05 5.17 17.89
C SER B 192 2.56 5.04 18.21
N LEU B 193 2.08 5.57 19.34
CA LEU B 193 0.65 5.47 19.64
C LEU B 193 -0.21 6.35 18.74
N TYR B 194 0.27 7.55 18.46
CA TYR B 194 -0.37 8.42 17.45
C TYR B 194 -0.50 7.67 16.11
N ASN B 195 0.61 7.10 15.67
CA ASN B 195 0.68 6.38 14.42
C ASN B 195 -0.22 5.18 14.41
N MET B 196 -0.26 4.46 15.52
CA MET B 196 -1.14 3.30 15.64
C MET B 196 -2.62 3.71 15.50
N GLY B 197 -2.96 4.83 16.11
CA GLY B 197 -4.27 5.45 15.99
C GLY B 197 -4.64 5.77 14.55
N LYS B 198 -3.76 6.46 13.87
CA LYS B 198 -4.02 6.83 12.48
C LYS B 198 -4.13 5.63 11.55
N HIS B 199 -3.27 4.61 11.74
CA HIS B 199 -3.45 3.36 11.00
C HIS B 199 -4.81 2.69 11.27
N ALA B 200 -5.21 2.61 12.55
CA ALA B 200 -6.51 2.07 12.93
C ALA B 200 -7.58 2.86 12.22
N LEU B 201 -7.37 4.16 12.09
CA LEU B 201 -8.31 4.99 11.35
C LEU B 201 -8.46 4.64 9.85
N VAL B 202 -7.36 4.24 9.20
CA VAL B 202 -7.42 3.74 7.81
C VAL B 202 -8.31 2.49 7.79
N GLY B 203 -8.04 1.59 8.75
CA GLY B 203 -8.82 0.38 8.93
C GLY B 203 -10.27 0.66 9.04
N LEU B 204 -10.66 1.60 9.91
CA LEU B 204 -12.08 1.95 10.06
C LEU B 204 -12.66 2.50 8.79
N THR B 205 -11.89 3.40 8.16
CA THR B 205 -12.36 4.02 6.94
C THR B 205 -12.75 2.93 5.95
N GLN B 206 -11.86 1.94 5.76
CA GLN B 206 -12.13 0.82 4.89
C GLN B 206 -13.28 -0.12 5.34
N SER B 207 -13.18 -0.64 6.57
CA SER B 207 -14.17 -1.53 7.13
C SER B 207 -15.56 -0.88 7.14
N ALA B 208 -15.64 0.38 7.53
CA ALA B 208 -16.92 1.06 7.51
C ALA B 208 -17.45 1.32 6.09
N ALA B 209 -16.59 1.71 5.13
CA ALA B 209 -17.06 1.87 3.75
C ALA B 209 -17.75 0.61 3.27
N LEU B 210 -17.13 -0.53 3.52
CA LEU B 210 -17.64 -1.80 3.07
C LEU B 210 -18.99 -2.09 3.71
N GLU B 211 -19.03 -1.99 5.03
CA GLU B 211 -20.23 -2.34 5.79
C GLU B 211 -21.40 -1.35 5.67
N LEU B 212 -21.10 -0.08 5.44
CA LEU B 212 -22.13 0.93 5.40
C LEU B 212 -22.58 1.31 3.99
N ALA B 213 -21.94 0.72 2.99
CA ALA B 213 -22.29 1.05 1.62
C ALA B 213 -23.74 0.64 1.31
N PRO B 214 -24.23 -0.45 1.88
CA PRO B 214 -25.63 -0.77 1.57
C PRO B 214 -26.65 0.23 2.13
N TYR B 215 -26.28 1.04 3.09
CA TYR B 215 -27.18 2.10 3.59
C TYR B 215 -27.03 3.40 2.79
N GLY B 216 -26.20 3.38 1.75
CA GLY B 216 -25.85 4.58 1.00
C GLY B 216 -24.94 5.54 1.77
N ILE B 217 -24.30 5.07 2.84
CA ILE B 217 -23.33 5.92 3.52
C ILE B 217 -21.96 5.62 2.95
N ARG B 218 -21.35 6.64 2.39
CA ARG B 218 -19.99 6.55 1.92
C ARG B 218 -19.03 6.95 3.05
N VAL B 219 -17.82 6.38 3.04
CA VAL B 219 -16.83 6.62 4.09
C VAL B 219 -15.45 6.77 3.45
N ASN B 220 -14.81 7.93 3.66
CA ASN B 220 -13.55 8.26 2.99
C ASN B 220 -12.62 8.97 3.96
N GLY B 221 -11.42 9.31 3.49
CA GLY B 221 -10.43 10.00 4.27
C GLY B 221 -9.79 11.10 3.49
N VAL B 222 -9.33 12.12 4.22
CA VAL B 222 -8.37 13.10 3.77
C VAL B 222 -7.15 12.96 4.63
N ALA B 223 -5.99 12.96 3.99
CA ALA B 223 -4.73 12.65 4.62
C ALA B 223 -3.76 13.79 4.32
N PRO B 224 -3.71 14.78 5.19
CA PRO B 224 -2.69 15.78 5.10
C PRO B 224 -1.33 15.21 5.38
N GLY B 225 -0.32 15.86 4.81
CA GLY B 225 1.06 15.57 5.13
C GLY B 225 1.50 16.56 6.17
N VAL B 226 1.98 17.70 5.71
CA VAL B 226 2.23 18.83 6.58
C VAL B 226 1.23 19.92 6.25
N SER B 227 0.35 20.18 7.22
CA SER B 227 -0.56 21.32 7.14
C SER B 227 -0.18 22.32 8.24
N LEU B 228 -1.14 22.92 8.91
CA LEU B 228 -0.82 23.90 9.94
C LEU B 228 0.07 23.31 11.02
N LEU B 229 1.28 23.83 11.18
CA LEU B 229 2.19 23.29 12.19
C LEU B 229 1.75 23.68 13.59
N PRO B 230 2.25 22.98 14.62
CA PRO B 230 1.78 23.35 15.99
C PRO B 230 2.04 24.84 16.28
N VAL B 231 1.14 25.47 17.03
CA VAL B 231 1.21 26.94 17.36
C VAL B 231 2.52 27.43 17.93
N ALA B 232 3.06 26.68 18.89
CA ALA B 232 4.31 27.05 19.57
C ALA B 232 5.56 26.85 18.71
N MET B 233 5.49 25.98 17.71
CA MET B 233 6.66 25.58 16.95
C MET B 233 7.40 26.82 16.38
N GLY B 234 8.71 26.85 16.58
CA GLY B 234 9.54 27.89 15.98
C GLY B 234 9.43 27.84 14.48
N GLU B 235 9.38 29.01 13.85
CA GLU B 235 9.32 29.10 12.41
C GLU B 235 10.51 28.39 11.79
N GLU B 236 11.66 28.37 12.49
CA GLU B 236 12.86 27.70 11.93
C GLU B 236 12.61 26.20 11.84
N GLU B 237 11.88 25.64 12.81
CA GLU B 237 11.54 24.23 12.77
C GLU B 237 10.43 23.94 11.73
N LYS B 238 9.45 24.83 11.67
CA LYS B 238 8.45 24.78 10.60
C LYS B 238 9.13 24.76 9.23
N ASP B 239 10.15 25.59 9.04
CA ASP B 239 10.88 25.62 7.78
C ASP B 239 11.54 24.27 7.43
N LYS B 240 11.97 23.48 8.40
CA LYS B 240 12.55 22.17 8.06
C LYS B 240 11.49 21.30 7.41
N TRP B 241 10.24 21.43 7.82
CA TRP B 241 9.19 20.60 7.21
C TRP B 241 8.79 21.21 5.86
N ARG B 242 8.57 22.51 5.86
CA ARG B 242 8.19 23.20 4.63
C ARG B 242 9.11 22.91 3.47
N ARG B 243 10.41 23.05 3.73
CA ARG B 243 11.46 22.77 2.75
C ARG B 243 11.38 21.38 2.14
N LYS B 244 10.85 20.42 2.88
CA LYS B 244 10.66 19.06 2.36
C LYS B 244 9.53 18.88 1.31
N VAL B 245 8.61 19.82 1.23
CA VAL B 245 7.40 19.65 0.41
C VAL B 245 7.73 19.99 -1.06
N PRO B 246 7.59 19.01 -1.96
CA PRO B 246 7.97 19.35 -3.32
C PRO B 246 7.14 20.47 -3.94
N LEU B 247 5.83 20.44 -3.75
CA LEU B 247 4.94 21.42 -4.35
C LEU B 247 4.92 22.69 -3.52
N GLY B 248 5.86 23.59 -3.81
CA GLY B 248 5.83 24.95 -3.27
C GLY B 248 6.64 25.17 -2.01
N ARG B 249 7.23 24.10 -1.48
CA ARG B 249 8.02 24.16 -0.28
C ARG B 249 7.27 24.88 0.83
N ARG B 250 6.03 24.50 1.03
CA ARG B 250 5.19 25.04 2.07
C ARG B 250 4.14 24.03 2.56
N GLU B 251 3.53 24.37 3.69
CA GLU B 251 2.51 23.51 4.29
C GLU B 251 1.16 23.83 3.65
N ALA B 252 0.25 22.87 3.67
CA ALA B 252 -1.13 23.09 3.25
C ALA B 252 -1.81 24.03 4.22
N SER B 253 -2.62 24.92 3.69
CA SER B 253 -3.54 25.67 4.49
C SER B 253 -4.66 24.74 4.98
N ALA B 254 -5.35 25.19 6.01
CA ALA B 254 -6.44 24.47 6.55
C ALA B 254 -7.47 24.43 5.47
N GLU B 255 -7.57 25.53 4.72
CA GLU B 255 -8.53 25.64 3.64
C GLU B 255 -8.30 24.60 2.53
N GLN B 256 -7.04 24.31 2.23
CA GLN B 256 -6.75 23.30 1.20
C GLN B 256 -7.17 21.90 1.65
N ILE B 257 -6.94 21.59 2.93
CA ILE B 257 -7.44 20.36 3.50
C ILE B 257 -8.98 20.38 3.47
N ALA B 258 -9.60 21.52 3.80
CA ALA B 258 -11.09 21.57 3.77
C ALA B 258 -11.68 21.30 2.37
N ASP B 259 -11.01 21.81 1.35
CA ASP B 259 -11.44 21.57 -0.05
C ASP B 259 -11.64 20.10 -0.41
N ALA B 260 -10.77 19.24 0.09
CA ALA B 260 -10.86 17.84 -0.21
C ALA B 260 -12.01 17.24 0.53
N VAL B 261 -12.25 17.69 1.77
CA VAL B 261 -13.42 17.23 2.52
C VAL B 261 -14.67 17.62 1.76
N ILE B 262 -14.77 18.89 1.36
CA ILE B 262 -15.92 19.39 0.59
C ILE B 262 -16.20 18.53 -0.65
N PHE B 263 -15.14 18.22 -1.38
CA PHE B 263 -15.25 17.35 -2.51
C PHE B 263 -15.79 15.99 -2.14
N LEU B 264 -15.23 15.35 -1.11
CA LEU B 264 -15.70 14.02 -0.74
C LEU B 264 -17.17 13.94 -0.32
N VAL B 265 -17.67 15.01 0.32
CA VAL B 265 -19.10 15.06 0.70
C VAL B 265 -20.05 15.45 -0.42
N SER B 266 -19.57 16.03 -1.53
CA SER B 266 -20.41 16.61 -2.60
C SER B 266 -21.03 15.58 -3.47
N GLY B 267 -21.97 16.03 -4.30
CA GLY B 267 -22.55 15.16 -5.34
C GLY B 267 -21.54 14.66 -6.35
N SER B 268 -20.38 15.31 -6.45
CA SER B 268 -19.31 14.89 -7.38
C SER B 268 -18.55 13.66 -6.94
N ALA B 269 -18.80 13.15 -5.74
CA ALA B 269 -18.07 11.99 -5.21
C ALA B 269 -18.94 10.80 -4.87
N GLN B 270 -20.13 10.77 -5.45
CA GLN B 270 -21.12 9.75 -5.11
C GLN B 270 -20.84 8.28 -5.36
N TYR B 271 -19.78 7.95 -6.09
CA TYR B 271 -19.32 6.57 -6.26
C TYR B 271 -18.06 6.27 -5.43
N ILE B 272 -17.53 7.31 -4.78
CA ILE B 272 -16.30 7.23 -3.97
C ILE B 272 -16.60 6.82 -2.52
N THR B 273 -16.10 5.64 -2.14
CA THR B 273 -16.08 5.21 -0.77
C THR B 273 -14.86 4.31 -0.58
N GLY B 274 -14.33 4.31 0.64
CA GLY B 274 -13.06 3.64 0.93
C GLY B 274 -11.84 4.34 0.39
N SER B 275 -11.98 5.59 -0.05
CA SER B 275 -10.85 6.27 -0.67
C SER B 275 -10.21 7.24 0.33
N ILE B 276 -8.89 7.29 0.34
CA ILE B 276 -8.16 8.27 1.14
C ILE B 276 -7.31 9.18 0.27
N ILE B 277 -7.68 10.44 0.23
CA ILE B 277 -7.06 11.38 -0.64
C ILE B 277 -5.92 12.06 0.10
N LYS B 278 -4.70 11.84 -0.37
CA LYS B 278 -3.55 12.57 0.18
C LYS B 278 -3.65 13.99 -0.30
N VAL B 279 -3.54 14.94 0.63
CA VAL B 279 -3.39 16.37 0.33
C VAL B 279 -2.11 16.84 0.98
N ASP B 280 -1.01 16.52 0.32
CA ASP B 280 0.30 16.55 0.89
C ASP B 280 1.38 17.20 0.05
N GLY B 281 1.07 17.77 -1.11
CA GLY B 281 2.13 18.45 -1.90
C GLY B 281 3.28 17.51 -2.29
N GLY B 282 3.02 16.21 -2.33
CA GLY B 282 4.03 15.27 -2.72
C GLY B 282 5.03 14.86 -1.61
N LEU B 283 4.81 15.35 -0.39
CA LEU B 283 5.72 15.09 0.73
C LEU B 283 5.99 13.59 0.98
N SER B 284 4.93 12.77 0.88
CA SER B 284 5.02 11.35 1.11
C SER B 284 5.83 10.62 0.02
N LEU B 285 6.17 11.31 -1.07
CA LEU B 285 6.96 10.70 -2.14
C LEU B 285 8.45 10.91 -1.98
N VAL B 286 8.84 11.70 -0.98
CA VAL B 286 10.21 12.16 -0.81
C VAL B 286 10.97 11.19 0.10
N HIS B 287 12.00 10.54 -0.42
CA HIS B 287 12.76 9.62 0.36
C HIS B 287 13.62 10.41 1.34
N ALA B 288 14.10 9.70 2.34
CA ALA B 288 14.98 10.24 3.37
C ALA B 288 16.21 10.80 2.73
N GLU C 22 17.87 -36.11 -7.40
CA GLU C 22 18.38 -35.22 -8.50
C GLU C 22 18.38 -33.77 -8.00
N ALA C 23 19.45 -33.04 -8.28
CA ALA C 23 19.56 -31.70 -7.72
C ALA C 23 18.74 -30.69 -8.58
N PRO C 24 17.92 -29.85 -7.94
CA PRO C 24 17.16 -28.86 -8.70
C PRO C 24 18.08 -27.87 -9.35
N ALA C 25 17.55 -27.06 -10.25
CA ALA C 25 18.35 -26.11 -10.99
C ALA C 25 17.69 -24.76 -11.02
N ALA C 26 18.50 -23.72 -11.12
CA ALA C 26 18.04 -22.36 -10.98
C ALA C 26 18.70 -21.50 -12.06
N VAL C 27 17.91 -20.63 -12.71
CA VAL C 27 18.46 -19.53 -13.51
C VAL C 27 18.56 -18.24 -12.67
N VAL C 28 19.69 -17.60 -12.70
CA VAL C 28 19.85 -16.26 -12.14
C VAL C 28 20.27 -15.31 -13.25
N THR C 29 19.46 -14.29 -13.54
CA THR C 29 19.84 -13.27 -14.53
C THR C 29 20.76 -12.25 -13.88
N GLY C 30 21.72 -11.73 -14.65
CA GLY C 30 22.67 -10.75 -14.16
C GLY C 30 23.48 -11.28 -12.98
N ALA C 31 23.98 -12.52 -13.13
CA ALA C 31 24.58 -13.18 -12.00
C ALA C 31 26.12 -13.17 -12.00
N ALA C 32 26.76 -12.35 -12.85
CA ALA C 32 28.22 -12.37 -12.89
C ALA C 32 28.83 -11.65 -11.70
N LYS C 33 28.14 -10.63 -11.18
CA LYS C 33 28.62 -9.75 -10.14
C LYS C 33 27.56 -9.39 -9.11
N ARG C 34 28.06 -8.85 -8.00
CA ARG C 34 27.31 -8.09 -7.03
C ARG C 34 26.19 -8.96 -6.49
N ILE C 35 24.93 -8.54 -6.56
CA ILE C 35 23.86 -9.27 -5.85
C ILE C 35 23.52 -10.57 -6.55
N GLY C 36 23.49 -10.53 -7.86
CA GLY C 36 23.22 -11.74 -8.65
C GLY C 36 24.22 -12.86 -8.43
N ARG C 37 25.48 -12.50 -8.35
CA ARG C 37 26.54 -13.44 -8.01
C ARG C 37 26.31 -14.02 -6.63
N ALA C 38 26.00 -13.18 -5.64
CA ALA C 38 25.76 -13.73 -4.28
C ALA C 38 24.56 -14.70 -4.28
N ILE C 39 23.55 -14.38 -5.07
CA ILE C 39 22.35 -15.21 -5.13
C ILE C 39 22.73 -16.53 -5.76
N ALA C 40 23.53 -16.46 -6.83
CA ALA C 40 23.95 -17.69 -7.47
C ALA C 40 24.78 -18.54 -6.52
N VAL C 41 25.82 -17.95 -5.94
CA VAL C 41 26.67 -18.69 -5.02
C VAL C 41 25.84 -19.39 -3.91
N LYS C 42 25.04 -18.64 -3.16
CA LYS C 42 24.13 -19.25 -2.14
C LYS C 42 23.20 -20.34 -2.66
N LEU C 43 22.53 -20.10 -3.78
CA LEU C 43 21.75 -21.17 -4.39
C LEU C 43 22.63 -22.41 -4.60
N HIS C 44 23.86 -22.20 -5.07
CA HIS C 44 24.77 -23.32 -5.29
C HIS C 44 25.14 -23.99 -3.97
N GLN C 45 25.49 -23.19 -2.97
CA GLN C 45 25.80 -23.72 -1.62
C GLN C 45 24.61 -24.46 -1.04
N THR C 46 23.37 -24.10 -1.37
CA THR C 46 22.20 -24.84 -0.92
C THR C 46 21.99 -26.15 -1.67
N GLY C 47 22.77 -26.40 -2.72
CA GLY C 47 22.62 -27.61 -3.52
C GLY C 47 22.00 -27.45 -4.90
N TYR C 48 21.74 -26.22 -5.36
CA TYR C 48 21.26 -26.03 -6.73
C TYR C 48 22.38 -26.18 -7.78
N ARG C 49 22.01 -26.65 -8.96
CA ARG C 49 22.79 -26.39 -10.17
C ARG C 49 22.34 -25.02 -10.74
N VAL C 50 23.26 -24.20 -11.25
CA VAL C 50 22.87 -22.84 -11.61
C VAL C 50 23.26 -22.44 -13.01
N VAL C 51 22.38 -21.65 -13.63
CA VAL C 51 22.68 -20.98 -14.88
C VAL C 51 22.95 -19.55 -14.49
N ILE C 52 24.15 -19.12 -14.82
CA ILE C 52 24.67 -17.79 -14.58
C ILE C 52 24.47 -16.97 -15.85
N HIS C 53 23.43 -16.16 -15.93
CA HIS C 53 23.24 -15.34 -17.10
C HIS C 53 24.04 -14.07 -16.97
N TYR C 54 24.55 -13.62 -18.12
CA TYR C 54 25.28 -12.38 -18.20
C TYR C 54 24.99 -11.71 -19.56
N HIS C 55 25.44 -10.48 -19.71
CA HIS C 55 25.30 -9.73 -20.95
C HIS C 55 26.69 -9.26 -21.37
N ASN C 56 27.30 -8.33 -20.65
CA ASN C 56 28.68 -7.92 -20.89
C ASN C 56 29.76 -8.56 -20.05
N SER C 57 29.39 -9.14 -18.92
CA SER C 57 30.42 -9.61 -17.99
C SER C 57 30.79 -11.08 -18.19
N ALA C 58 31.28 -11.43 -19.38
CA ALA C 58 31.63 -12.81 -19.72
C ALA C 58 32.74 -13.35 -18.83
N GLU C 59 33.82 -12.60 -18.70
CA GLU C 59 34.94 -13.02 -17.85
C GLU C 59 34.50 -13.34 -16.41
N ALA C 60 33.75 -12.42 -15.80
CA ALA C 60 33.26 -12.62 -14.43
C ALA C 60 32.29 -13.84 -14.33
N ALA C 61 31.42 -13.96 -15.30
CA ALA C 61 30.49 -15.11 -15.36
C ALA C 61 31.22 -16.45 -15.41
N VAL C 62 32.21 -16.56 -16.28
CA VAL C 62 32.95 -17.81 -16.36
C VAL C 62 33.79 -18.08 -15.08
N SER C 63 34.43 -17.05 -14.51
CA SER C 63 35.22 -17.32 -13.29
C SER C 63 34.31 -17.76 -12.16
N LEU C 64 33.09 -17.23 -12.07
CA LEU C 64 32.12 -17.74 -11.12
C LEU C 64 31.86 -19.21 -11.42
N ALA C 65 31.56 -19.54 -12.68
CA ALA C 65 31.20 -20.92 -13.01
C ALA C 65 32.39 -21.84 -12.69
N ASP C 66 33.61 -21.42 -13.04
CA ASP C 66 34.80 -22.22 -12.74
C ASP C 66 34.85 -22.54 -11.24
N GLU C 67 34.76 -21.49 -10.42
CA GLU C 67 34.72 -21.62 -8.96
C GLU C 67 33.62 -22.55 -8.46
N LEU C 68 32.43 -22.44 -9.03
CA LEU C 68 31.35 -23.32 -8.62
C LEU C 68 31.54 -24.76 -9.06
N ASN C 69 32.06 -24.95 -10.26
CA ASN C 69 32.33 -26.29 -10.77
C ASN C 69 33.53 -26.99 -10.09
N LYS C 70 34.48 -26.19 -9.58
CA LYS C 70 35.52 -26.71 -8.69
C LYS C 70 34.95 -27.34 -7.45
N GLU C 71 33.96 -26.71 -6.81
CA GLU C 71 33.31 -27.35 -5.67
C GLU C 71 32.60 -28.62 -6.10
N ARG C 72 31.85 -28.55 -7.20
CA ARG C 72 31.08 -29.69 -7.73
C ARG C 72 31.08 -29.61 -9.26
N SER C 73 31.60 -30.65 -9.89
CA SER C 73 31.64 -30.69 -11.34
C SER C 73 30.26 -30.64 -11.99
N ASN C 74 30.23 -29.92 -13.13
CA ASN C 74 29.07 -29.85 -14.00
C ASN C 74 27.80 -29.39 -13.27
N THR C 75 27.95 -28.40 -12.39
CA THR C 75 26.79 -27.84 -11.67
C THR C 75 26.55 -26.34 -11.94
N ALA C 76 27.35 -25.74 -12.81
CA ALA C 76 27.29 -24.33 -13.13
C ALA C 76 27.57 -24.17 -14.63
N VAL C 77 26.66 -23.53 -15.35
CA VAL C 77 26.90 -23.11 -16.74
C VAL C 77 26.59 -21.64 -16.91
N VAL C 78 27.16 -21.01 -17.92
CA VAL C 78 26.87 -19.61 -18.20
C VAL C 78 26.02 -19.43 -19.44
N CYS C 79 25.32 -18.31 -19.51
CA CYS C 79 24.36 -18.04 -20.55
C CYS C 79 24.33 -16.57 -20.84
N GLN C 80 24.58 -16.19 -22.10
CA GLN C 80 24.68 -14.80 -22.52
C GLN C 80 23.40 -14.35 -23.15
N ALA C 81 22.97 -13.13 -22.83
CA ALA C 81 21.88 -12.46 -23.53
C ALA C 81 21.71 -11.03 -23.11
N ASP C 82 21.56 -10.15 -24.11
CA ASP C 82 20.98 -8.85 -23.93
C ASP C 82 19.49 -9.02 -23.55
N LEU C 83 19.06 -8.36 -22.46
CA LEU C 83 17.65 -8.37 -22.00
C LEU C 83 16.87 -7.07 -22.31
N THR C 84 17.49 -6.21 -23.10
CA THR C 84 16.82 -5.06 -23.70
C THR C 84 15.59 -5.45 -24.51
N ASN C 85 14.51 -4.70 -24.37
CA ASN C 85 13.35 -4.96 -25.15
C ASN C 85 13.65 -4.79 -26.64
N SER C 86 13.19 -5.78 -27.41
CA SER C 86 13.33 -5.82 -28.88
C SER C 86 12.41 -6.87 -29.46
N ASN C 87 12.39 -6.90 -30.79
CA ASN C 87 11.74 -7.98 -31.53
C ASN C 87 12.31 -9.36 -31.21
N VAL C 88 13.60 -9.45 -30.86
CA VAL C 88 14.23 -10.75 -30.53
C VAL C 88 14.20 -11.16 -29.04
N LEU C 89 13.68 -10.32 -28.14
CA LEU C 89 13.76 -10.58 -26.67
C LEU C 89 13.03 -11.85 -26.29
N PRO C 90 11.87 -12.12 -26.89
CA PRO C 90 11.19 -13.33 -26.52
C PRO C 90 11.96 -14.62 -26.74
N ALA C 91 12.53 -14.73 -27.93
CA ALA C 91 13.44 -15.79 -28.27
C ALA C 91 14.64 -15.79 -27.30
N SER C 92 15.27 -14.65 -27.05
CA SER C 92 16.38 -14.65 -26.13
C SER C 92 15.99 -15.25 -24.75
N CYS C 93 14.77 -14.97 -24.30
CA CYS C 93 14.32 -15.33 -22.97
C CYS C 93 13.95 -16.78 -22.98
N GLU C 94 13.38 -17.21 -24.10
CA GLU C 94 13.05 -18.62 -24.28
C GLU C 94 14.32 -19.43 -24.22
N GLU C 95 15.41 -18.83 -24.70
CA GLU C 95 16.64 -19.57 -24.82
C GLU C 95 17.35 -19.66 -23.50
N ILE C 96 17.16 -18.68 -22.63
CA ILE C 96 17.79 -18.70 -21.29
C ILE C 96 17.18 -19.87 -20.51
N ILE C 97 15.85 -19.97 -20.59
CA ILE C 97 15.19 -21.12 -19.98
C ILE C 97 15.63 -22.46 -20.64
N ASN C 98 15.66 -22.54 -21.97
CA ASN C 98 16.16 -23.77 -22.64
C ASN C 98 17.56 -24.15 -22.19
N SER C 99 18.38 -23.15 -21.89
CA SER C 99 19.73 -23.42 -21.54
C SER C 99 19.79 -24.15 -20.18
N CYS C 100 18.82 -23.89 -19.30
CA CYS C 100 18.77 -24.63 -18.03
C CYS C 100 18.30 -26.09 -18.29
N PHE C 101 17.22 -26.23 -19.03
CA PHE C 101 16.75 -27.55 -19.41
C PHE C 101 17.85 -28.37 -20.16
N ARG C 102 18.56 -27.72 -21.07
CA ARG C 102 19.65 -28.38 -21.77
C ARG C 102 20.76 -28.82 -20.80
N ALA C 103 21.21 -27.93 -19.92
CA ALA C 103 22.31 -28.29 -19.05
C ALA C 103 21.92 -29.34 -18.03
N PHE C 104 20.69 -29.27 -17.51
CA PHE C 104 20.36 -29.94 -16.25
C PHE C 104 19.09 -30.73 -16.27
N GLY C 105 18.37 -30.75 -17.40
CA GLY C 105 17.19 -31.60 -17.49
C GLY C 105 15.94 -31.02 -16.81
N ARG C 106 16.11 -29.87 -16.17
CA ARG C 106 15.02 -29.27 -15.41
C ARG C 106 15.32 -27.80 -15.06
N CYS C 107 14.28 -27.06 -14.65
CA CYS C 107 14.40 -25.67 -14.19
C CYS C 107 13.39 -25.44 -13.08
N ASP C 108 13.90 -25.29 -11.86
CA ASP C 108 13.03 -25.21 -10.68
C ASP C 108 12.84 -23.77 -10.21
N VAL C 109 13.83 -22.94 -10.46
CA VAL C 109 13.89 -21.61 -9.91
C VAL C 109 14.40 -20.66 -10.96
N LEU C 110 13.70 -19.53 -11.06
CA LEU C 110 14.07 -18.43 -11.89
C LEU C 110 14.21 -17.22 -10.96
N VAL C 111 15.39 -16.62 -10.99
CA VAL C 111 15.63 -15.37 -10.32
C VAL C 111 15.83 -14.21 -11.29
N ASN C 112 14.86 -13.29 -11.34
CA ASN C 112 14.97 -12.11 -12.18
C ASN C 112 15.72 -10.98 -11.47
N ASN C 113 17.00 -10.91 -11.71
CA ASN C 113 17.86 -9.99 -11.01
C ASN C 113 18.45 -8.92 -11.91
N ALA C 114 18.82 -9.31 -13.15
CA ALA C 114 19.34 -8.36 -14.14
C ALA C 114 18.54 -7.06 -14.17
N SER C 115 19.25 -5.94 -14.26
CA SER C 115 18.55 -4.66 -14.25
C SER C 115 19.38 -3.49 -14.70
N ALA C 116 18.85 -2.73 -15.65
CA ALA C 116 19.46 -1.46 -16.02
C ALA C 116 18.98 -0.37 -15.04
N PHE C 117 19.87 0.57 -14.75
CA PHE C 117 19.62 1.55 -13.73
C PHE C 117 20.40 2.83 -14.04
N TYR C 118 19.67 3.88 -14.43
CA TYR C 118 20.25 5.22 -14.66
C TYR C 118 19.11 6.25 -14.76
N PRO C 119 19.42 7.53 -14.61
CA PRO C 119 18.36 8.54 -14.62
C PRO C 119 17.82 8.85 -16.01
N THR C 120 16.54 9.20 -16.10
CA THR C 120 15.91 9.58 -17.36
C THR C 120 15.04 10.79 -17.08
N PRO C 121 15.65 11.99 -16.99
CA PRO C 121 14.93 13.18 -16.53
C PRO C 121 13.77 13.55 -17.43
N LEU C 122 12.69 14.08 -16.88
CA LEU C 122 11.51 14.40 -17.70
C LEU C 122 11.69 15.70 -18.53
N VAL C 123 12.49 16.65 -18.03
CA VAL C 123 12.72 17.86 -18.76
C VAL C 123 14.16 17.93 -19.20
N LYS C 134 22.11 8.19 -25.33
CA LYS C 134 21.00 7.31 -25.74
C LYS C 134 19.72 8.08 -26.04
N THR C 135 19.01 7.66 -27.08
CA THR C 135 17.70 8.18 -27.34
C THR C 135 16.72 7.72 -26.25
N VAL C 136 15.68 8.50 -26.05
CA VAL C 136 14.71 8.17 -25.04
C VAL C 136 14.11 6.78 -25.38
N GLU C 137 13.96 6.44 -26.66
CA GLU C 137 13.38 5.13 -27.00
C GLU C 137 14.29 3.95 -26.63
N THR C 138 15.62 4.20 -26.58
CA THR C 138 16.55 3.19 -26.14
C THR C 138 16.51 3.03 -24.60
N GLN C 139 16.25 4.13 -23.90
CA GLN C 139 16.15 4.09 -22.45
C GLN C 139 14.89 3.34 -22.03
N VAL C 140 13.81 3.56 -22.74
CA VAL C 140 12.61 2.76 -22.56
C VAL C 140 12.99 1.29 -22.74
N ALA C 141 13.71 1.00 -23.82
CA ALA C 141 13.92 -0.39 -24.17
C ALA C 141 14.79 -1.09 -23.09
N GLU C 142 15.80 -0.42 -22.61
CA GLU C 142 16.70 -1.03 -21.63
C GLU C 142 16.05 -1.10 -20.25
N LEU C 143 15.56 0.04 -19.77
CA LEU C 143 15.03 0.16 -18.44
C LEU C 143 13.74 -0.63 -18.27
N ILE C 144 12.83 -0.53 -19.23
CA ILE C 144 11.63 -1.34 -19.13
C ILE C 144 11.87 -2.78 -19.57
N GLY C 145 12.83 -2.99 -20.46
CA GLY C 145 13.05 -4.36 -20.94
C GLY C 145 13.68 -5.18 -19.85
N THR C 146 14.73 -4.65 -19.24
CA THR C 146 15.43 -5.46 -18.24
C THR C 146 14.61 -5.64 -17.01
N ASN C 147 13.89 -4.58 -16.62
CA ASN C 147 13.29 -4.57 -15.25
C ASN C 147 11.90 -5.20 -15.21
N ALA C 148 11.25 -5.33 -16.34
CA ALA C 148 9.87 -5.80 -16.34
C ALA C 148 9.55 -6.72 -17.53
N ILE C 149 9.93 -6.35 -18.74
CA ILE C 149 9.52 -7.15 -19.89
C ILE C 149 10.23 -8.48 -19.97
N ALA C 150 11.55 -8.46 -19.81
CA ALA C 150 12.29 -9.70 -19.82
C ALA C 150 11.82 -10.58 -18.68
N PRO C 151 11.66 -10.02 -17.46
CA PRO C 151 11.07 -10.86 -16.43
C PRO C 151 9.74 -11.48 -16.81
N PHE C 152 8.85 -10.74 -17.48
CA PHE C 152 7.54 -11.29 -17.92
C PHE C 152 7.75 -12.47 -18.92
N LEU C 153 8.70 -12.30 -19.84
CA LEU C 153 8.94 -13.29 -20.92
C LEU C 153 9.64 -14.55 -20.34
N LEU C 154 10.59 -14.32 -19.44
CA LEU C 154 11.26 -15.43 -18.75
C LEU C 154 10.28 -16.23 -17.91
N THR C 155 9.27 -15.54 -17.40
CA THR C 155 8.22 -16.14 -16.61
C THR C 155 7.30 -16.97 -17.49
N MET C 156 6.90 -16.40 -18.62
CA MET C 156 6.13 -17.15 -19.63
C MET C 156 6.85 -18.46 -20.03
N SER C 157 8.14 -18.35 -20.32
CA SER C 157 8.90 -19.52 -20.81
C SER C 157 9.13 -20.53 -19.69
N PHE C 158 9.41 -20.04 -18.48
CA PHE C 158 9.58 -20.93 -17.34
C PHE C 158 8.30 -21.75 -17.15
N ALA C 159 7.17 -21.07 -17.17
CA ALA C 159 5.89 -21.73 -16.84
C ALA C 159 5.50 -22.72 -17.93
N GLN C 160 5.68 -22.27 -19.18
CA GLN C 160 5.33 -23.04 -20.37
C GLN C 160 6.04 -24.41 -20.43
N ARG C 161 7.31 -24.46 -20.00
CA ARG C 161 8.09 -25.71 -19.90
C ARG C 161 7.77 -26.54 -18.66
N GLN C 162 6.64 -26.32 -18.03
CA GLN C 162 6.36 -26.96 -16.74
C GLN C 162 4.95 -27.57 -16.67
N SER C 172 8.14 -31.60 -6.05
CA SER C 172 8.86 -30.47 -6.62
C SER C 172 8.51 -29.12 -5.93
N ASN C 173 9.44 -28.17 -5.98
CA ASN C 173 9.23 -26.85 -5.37
C ASN C 173 9.65 -25.70 -6.32
N LEU C 174 8.72 -25.34 -7.21
CA LEU C 174 8.97 -24.39 -8.31
C LEU C 174 8.69 -23.00 -7.84
N SER C 175 9.61 -22.07 -8.00
CA SER C 175 9.28 -20.66 -7.80
C SER C 175 10.14 -19.70 -8.59
N ILE C 176 9.64 -18.46 -8.61
CA ILE C 176 10.26 -17.35 -9.26
C ILE C 176 10.45 -16.29 -8.17
N VAL C 177 11.60 -15.64 -8.15
CA VAL C 177 11.85 -14.52 -7.28
C VAL C 177 12.30 -13.33 -8.12
N ASN C 178 11.57 -12.24 -8.01
CA ASN C 178 11.88 -11.00 -8.68
C ASN C 178 12.61 -9.99 -7.78
N LEU C 179 13.73 -9.46 -8.28
CA LEU C 179 14.36 -8.38 -7.55
C LEU C 179 13.69 -7.03 -7.75
N CYS C 180 12.95 -6.63 -6.73
CA CYS C 180 12.17 -5.42 -6.70
C CYS C 180 13.00 -4.30 -6.07
N ASP C 181 12.34 -3.27 -5.57
CA ASP C 181 12.98 -2.07 -5.05
C ASP C 181 12.12 -1.62 -3.88
N ALA C 182 12.72 -1.51 -2.71
CA ALA C 182 11.99 -1.09 -1.53
C ALA C 182 11.54 0.38 -1.57
N MET C 183 12.19 1.21 -2.35
CA MET C 183 11.93 2.68 -2.38
C MET C 183 10.97 3.07 -3.51
N VAL C 184 10.18 2.11 -3.95
CA VAL C 184 9.47 2.23 -5.22
C VAL C 184 8.35 3.30 -5.12
N ASP C 185 7.90 3.60 -3.90
CA ASP C 185 6.94 4.69 -3.64
C ASP C 185 7.57 5.97 -3.13
N GLN C 186 8.89 6.00 -2.94
CA GLN C 186 9.59 7.21 -2.59
C GLN C 186 10.77 7.29 -3.55
N PRO C 187 10.47 7.32 -4.85
CA PRO C 187 11.53 7.05 -5.82
C PRO C 187 12.64 8.14 -5.85
N CYS C 188 13.82 7.71 -6.38
CA CYS C 188 14.93 8.60 -6.71
C CYS C 188 14.51 9.64 -7.72
N MET C 189 14.98 10.86 -7.50
CA MET C 189 14.65 12.00 -8.38
C MET C 189 15.13 11.74 -9.81
N ALA C 190 14.23 11.90 -10.76
CA ALA C 190 14.53 11.80 -12.18
C ALA C 190 14.85 10.37 -12.65
N PHE C 191 14.30 9.37 -11.98
CA PHE C 191 14.48 7.99 -12.35
C PHE C 191 13.14 7.37 -12.73
N SER C 192 12.31 8.14 -13.44
CA SER C 192 10.99 7.69 -13.91
C SER C 192 10.97 6.29 -14.52
N LEU C 193 11.76 6.03 -15.56
CA LEU C 193 11.56 4.81 -16.35
C LEU C 193 11.94 3.62 -15.52
N TYR C 194 13.01 3.76 -14.73
CA TYR C 194 13.45 2.70 -13.84
C TYR C 194 12.32 2.43 -12.87
N ASN C 195 11.77 3.53 -12.35
CA ASN C 195 10.74 3.41 -11.33
C ASN C 195 9.47 2.74 -11.89
N MET C 196 9.16 3.10 -13.14
CA MET C 196 8.10 2.49 -13.89
C MET C 196 8.35 1.00 -14.12
N GLY C 197 9.59 0.64 -14.45
CA GLY C 197 9.96 -0.76 -14.60
C GLY C 197 9.83 -1.57 -13.30
N LYS C 198 10.22 -1.00 -12.17
CA LYS C 198 10.14 -1.69 -10.90
C LYS C 198 8.71 -1.77 -10.39
N HIS C 199 7.89 -0.81 -10.76
CA HIS C 199 6.48 -0.89 -10.41
C HIS C 199 5.82 -1.99 -11.24
N ALA C 200 6.18 -2.01 -12.54
CA ALA C 200 5.69 -3.09 -13.44
C ALA C 200 6.06 -4.48 -12.94
N LEU C 201 7.27 -4.60 -12.44
CA LEU C 201 7.77 -5.85 -11.88
C LEU C 201 6.98 -6.32 -10.68
N VAL C 202 6.56 -5.35 -9.86
CA VAL C 202 5.60 -5.62 -8.75
C VAL C 202 4.30 -6.19 -9.31
N GLY C 203 3.76 -5.58 -10.34
CA GLY C 203 2.54 -6.08 -10.96
C GLY C 203 2.65 -7.49 -11.55
N LEU C 204 3.77 -7.75 -12.22
CA LEU C 204 4.03 -9.09 -12.73
C LEU C 204 4.11 -10.09 -11.56
N THR C 205 4.80 -9.72 -10.49
CA THR C 205 4.90 -10.61 -9.32
C THR C 205 3.53 -11.09 -8.89
N GLN C 206 2.63 -10.13 -8.78
CA GLN C 206 1.29 -10.35 -8.30
C GLN C 206 0.46 -11.12 -9.30
N SER C 207 0.46 -10.66 -10.55
CA SER C 207 -0.30 -11.31 -11.62
C SER C 207 0.17 -12.73 -11.86
N ALA C 208 1.48 -12.92 -11.90
CA ALA C 208 2.04 -14.23 -12.16
C ALA C 208 1.82 -15.15 -10.95
N ALA C 209 1.92 -14.62 -9.72
CA ALA C 209 1.59 -15.44 -8.56
C ALA C 209 0.15 -16.01 -8.67
N LEU C 210 -0.79 -15.14 -9.02
CA LEU C 210 -2.18 -15.50 -9.06
C LEU C 210 -2.48 -16.58 -10.11
N GLU C 211 -1.90 -16.36 -11.29
CA GLU C 211 -2.14 -17.16 -12.48
C GLU C 211 -1.31 -18.44 -12.51
N LEU C 212 -0.14 -18.44 -11.91
CA LEU C 212 0.68 -19.66 -11.88
C LEU C 212 0.45 -20.49 -10.64
N ALA C 213 -0.38 -20.01 -9.73
CA ALA C 213 -0.64 -20.75 -8.51
C ALA C 213 -1.15 -22.15 -8.82
N PRO C 214 -2.02 -22.31 -9.84
CA PRO C 214 -2.56 -23.65 -10.07
C PRO C 214 -1.50 -24.65 -10.52
N TYR C 215 -0.37 -24.18 -11.05
CA TYR C 215 0.72 -25.06 -11.44
C TYR C 215 1.71 -25.29 -10.33
N GLY C 216 1.41 -24.83 -9.11
CA GLY C 216 2.34 -24.98 -8.00
C GLY C 216 3.59 -24.10 -8.14
N ILE C 217 3.57 -23.19 -9.10
CA ILE C 217 4.64 -22.20 -9.25
C ILE C 217 4.36 -20.98 -8.36
N ARG C 218 5.22 -20.77 -7.37
CA ARG C 218 5.12 -19.59 -6.49
C ARG C 218 5.88 -18.46 -7.13
N VAL C 219 5.45 -17.22 -6.86
CA VAL C 219 6.08 -16.05 -7.42
C VAL C 219 6.19 -14.96 -6.38
N ASN C 220 7.43 -14.62 -6.03
CA ASN C 220 7.66 -13.69 -4.95
C ASN C 220 8.70 -12.65 -5.30
N GLY C 221 8.96 -11.73 -4.38
CA GLY C 221 9.96 -10.70 -4.61
C GLY C 221 10.84 -10.42 -3.40
N VAL C 222 12.03 -9.91 -3.66
CA VAL C 222 12.89 -9.37 -2.64
C VAL C 222 13.19 -7.93 -3.04
N ALA C 223 13.05 -7.03 -2.07
CA ALA C 223 13.13 -5.59 -2.32
C ALA C 223 14.22 -4.98 -1.47
N PRO C 224 15.43 -4.84 -2.03
CA PRO C 224 16.51 -4.16 -1.36
C PRO C 224 16.21 -2.70 -1.28
N GLY C 225 16.78 -2.04 -0.29
CA GLY C 225 16.64 -0.60 -0.14
C GLY C 225 17.89 -0.07 -0.77
N VAL C 226 18.93 -0.02 0.04
N VAL C 226 18.93 0.01 0.05
CA VAL C 226 20.29 0.21 -0.42
CA VAL C 226 20.29 0.20 -0.45
C VAL C 226 21.13 -1.00 -0.03
C VAL C 226 21.12 -1.01 -0.03
N SER C 227 21.77 -1.58 -1.03
CA SER C 227 22.66 -2.69 -0.83
C SER C 227 23.96 -2.18 -1.53
N LEU C 228 24.64 -3.02 -2.30
CA LEU C 228 25.88 -2.60 -2.95
C LEU C 228 25.57 -1.40 -3.82
N LEU C 229 26.27 -0.31 -3.54
CA LEU C 229 26.01 0.94 -4.23
C LEU C 229 26.68 0.90 -5.60
N PRO C 230 26.14 1.66 -6.57
CA PRO C 230 26.71 1.63 -7.92
C PRO C 230 28.20 1.98 -7.93
N VAL C 231 28.94 1.29 -8.79
CA VAL C 231 30.41 1.42 -8.81
C VAL C 231 30.84 2.85 -9.10
N ALA C 232 30.06 3.51 -9.96
CA ALA C 232 30.32 4.89 -10.38
C ALA C 232 30.09 5.90 -9.24
N MET C 233 29.06 5.67 -8.43
CA MET C 233 28.66 6.60 -7.40
C MET C 233 29.85 7.03 -6.56
N GLY C 234 29.90 8.33 -6.28
CA GLY C 234 30.94 8.93 -5.47
C GLY C 234 30.85 8.41 -4.06
N GLU C 235 32.01 8.23 -3.44
CA GLU C 235 32.10 7.72 -2.07
C GLU C 235 31.32 8.59 -1.06
N GLU C 236 31.20 9.88 -1.36
CA GLU C 236 30.45 10.79 -0.47
C GLU C 236 28.92 10.59 -0.61
N GLU C 237 28.46 10.39 -1.85
CA GLU C 237 27.05 10.09 -2.12
C GLU C 237 26.66 8.72 -1.56
N LYS C 238 27.65 7.80 -1.51
CA LYS C 238 27.48 6.49 -0.89
C LYS C 238 27.23 6.66 0.60
N ASP C 239 28.10 7.42 1.28
CA ASP C 239 27.94 7.69 2.71
C ASP C 239 26.66 8.44 3.07
N LYS C 240 26.14 9.29 2.19
CA LYS C 240 24.85 9.95 2.48
C LYS C 240 23.70 8.95 2.62
N TRP C 241 23.70 7.97 1.74
CA TRP C 241 22.68 6.91 1.74
C TRP C 241 22.83 5.98 2.95
N ARG C 242 24.07 5.51 3.19
CA ARG C 242 24.37 4.71 4.38
C ARG C 242 23.84 5.34 5.67
N ARG C 243 24.08 6.64 5.83
CA ARG C 243 23.62 7.39 7.01
C ARG C 243 22.09 7.33 7.22
N LYS C 244 21.34 7.10 6.16
CA LYS C 244 19.87 7.15 6.29
C LYS C 244 19.27 5.90 6.87
N VAL C 245 20.02 4.80 6.78
CA VAL C 245 19.54 3.48 7.14
C VAL C 245 19.44 3.35 8.64
N PRO C 246 18.23 3.16 9.16
CA PRO C 246 18.10 3.08 10.62
C PRO C 246 18.86 1.92 11.29
N LEU C 247 18.80 0.74 10.69
CA LEU C 247 19.46 -0.45 11.24
C LEU C 247 20.93 -0.50 10.85
N GLY C 248 21.77 0.20 11.59
CA GLY C 248 23.24 0.11 11.43
C GLY C 248 23.88 1.15 10.54
N ARG C 249 23.09 1.98 9.92
CA ARG C 249 23.61 3.07 9.09
C ARG C 249 24.63 2.49 8.11
N ARG C 250 24.27 1.39 7.44
CA ARG C 250 25.12 0.73 6.42
C ARG C 250 24.19 0.11 5.40
N GLU C 251 24.69 -0.11 4.18
CA GLU C 251 23.99 -0.91 3.20
C GLU C 251 23.95 -2.39 3.52
N ALA C 252 22.99 -3.07 2.91
CA ALA C 252 22.94 -4.54 2.93
C ALA C 252 24.08 -5.05 2.10
N SER C 253 24.81 -6.02 2.62
CA SER C 253 25.60 -6.88 1.77
C SER C 253 24.70 -7.65 0.75
N ALA C 254 25.34 -8.13 -0.31
CA ALA C 254 24.69 -8.97 -1.29
C ALA C 254 24.21 -10.26 -0.65
N GLU C 255 24.97 -10.80 0.30
CA GLU C 255 24.57 -12.04 0.96
C GLU C 255 23.24 -11.90 1.75
N GLN C 256 23.04 -10.73 2.37
CA GLN C 256 21.80 -10.44 3.08
C GLN C 256 20.62 -10.38 2.11
N ILE C 257 20.79 -9.83 0.91
CA ILE C 257 19.73 -9.88 -0.08
C ILE C 257 19.46 -11.34 -0.50
N ALA C 258 20.54 -12.09 -0.72
CA ALA C 258 20.44 -13.47 -1.12
C ALA C 258 19.79 -14.37 -0.08
N ASP C 259 20.02 -14.14 1.21
CA ASP C 259 19.36 -14.93 2.27
C ASP C 259 17.82 -14.94 2.07
N ALA C 260 17.25 -13.79 1.72
CA ALA C 260 15.82 -13.68 1.54
C ALA C 260 15.37 -14.44 0.35
N VAL C 261 16.24 -14.44 -0.66
CA VAL C 261 15.99 -15.20 -1.86
C VAL C 261 16.02 -16.67 -1.54
N ILE C 262 17.04 -17.08 -0.80
CA ILE C 262 17.13 -18.49 -0.36
C ILE C 262 15.89 -18.91 0.43
N PHE C 263 15.45 -18.07 1.37
CA PHE C 263 14.23 -18.40 2.11
C PHE C 263 13.05 -18.62 1.19
N LEU C 264 12.88 -17.73 0.22
CA LEU C 264 11.73 -17.76 -0.62
C LEU C 264 11.65 -19.01 -1.51
N VAL C 265 12.79 -19.52 -1.97
CA VAL C 265 12.80 -20.73 -2.78
C VAL C 265 12.66 -22.04 -1.95
N SER C 266 12.85 -21.95 -0.63
CA SER C 266 12.94 -23.09 0.27
C SER C 266 11.63 -23.72 0.63
N GLY C 267 11.69 -24.90 1.26
CA GLY C 267 10.47 -25.60 1.69
C GLY C 267 9.81 -24.86 2.84
N SER C 268 10.57 -23.94 3.44
CA SER C 268 10.06 -23.05 4.49
C SER C 268 9.13 -21.95 4.01
N ALA C 269 9.09 -21.70 2.70
CA ALA C 269 8.18 -20.70 2.10
C ALA C 269 7.13 -21.31 1.17
N GLN C 270 6.74 -22.55 1.44
CA GLN C 270 5.85 -23.24 0.48
C GLN C 270 4.43 -22.72 0.37
N TYR C 271 3.99 -21.86 1.29
CA TYR C 271 2.65 -21.25 1.22
C TYR C 271 2.66 -19.76 0.80
N ILE C 272 3.87 -19.24 0.68
CA ILE C 272 4.13 -17.85 0.31
C ILE C 272 4.20 -17.68 -1.21
N THR C 273 3.31 -16.86 -1.74
CA THR C 273 3.38 -16.44 -3.15
C THR C 273 2.73 -15.05 -3.24
N GLY C 274 3.22 -14.25 -4.17
CA GLY C 274 2.78 -12.84 -4.26
C GLY C 274 3.24 -11.96 -3.13
N SER C 275 4.22 -12.45 -2.38
CA SER C 275 4.83 -11.69 -1.30
C SER C 275 6.08 -11.01 -1.79
N ILE C 276 6.29 -9.78 -1.38
CA ILE C 276 7.54 -9.07 -1.60
C ILE C 276 8.16 -8.71 -0.25
N ILE C 277 9.33 -9.27 0.06
CA ILE C 277 9.95 -9.05 1.33
C ILE C 277 10.91 -7.90 1.18
N LYS C 278 10.71 -6.83 1.94
CA LYS C 278 11.74 -5.79 2.01
C LYS C 278 12.94 -6.24 2.81
N VAL C 279 14.11 -5.93 2.27
CA VAL C 279 15.37 -6.14 3.00
C VAL C 279 16.12 -4.82 2.96
N ASP C 280 15.64 -3.85 3.72
CA ASP C 280 16.07 -2.47 3.58
C ASP C 280 16.57 -1.75 4.86
N GLY C 281 16.70 -2.48 5.96
CA GLY C 281 17.16 -1.91 7.23
C GLY C 281 16.28 -0.78 7.76
N GLY C 282 15.01 -0.77 7.33
CA GLY C 282 14.05 0.22 7.69
C GLY C 282 14.09 1.48 6.85
N LEU C 283 14.94 1.51 5.83
CA LEU C 283 15.17 2.77 5.07
C LEU C 283 13.90 3.39 4.53
N SER C 284 13.01 2.52 4.03
CA SER C 284 11.72 2.92 3.48
C SER C 284 10.75 3.52 4.51
N LEU C 285 11.00 3.31 5.80
CA LEU C 285 10.18 3.92 6.86
C LEU C 285 10.61 5.34 7.23
N VAL C 286 11.71 5.81 6.64
CA VAL C 286 12.31 7.07 7.11
C VAL C 286 11.70 8.22 6.26
N HIS C 287 10.94 9.10 6.91
CA HIS C 287 10.38 10.24 6.21
C HIS C 287 11.49 11.21 5.77
N ALA C 288 11.16 12.05 4.78
CA ALA C 288 12.07 13.08 4.25
C ALA C 288 12.64 13.99 5.31
N GLU D 22 25.19 -19.69 26.05
CA GLU D 22 23.80 -19.81 26.63
C GLU D 22 22.73 -19.67 25.52
N ALA D 23 21.58 -20.31 25.75
CA ALA D 23 20.51 -20.32 24.77
C ALA D 23 19.62 -19.06 24.88
N PRO D 24 19.27 -18.48 23.72
CA PRO D 24 18.41 -17.31 23.77
C PRO D 24 16.97 -17.66 24.21
N ALA D 25 16.23 -16.68 24.70
CA ALA D 25 14.84 -16.94 25.12
C ALA D 25 13.82 -16.11 24.36
N ALA D 26 12.64 -16.68 24.18
CA ALA D 26 11.56 -16.04 23.44
C ALA D 26 10.26 -16.09 24.26
N VAL D 27 9.54 -14.97 24.28
CA VAL D 27 8.15 -14.93 24.70
C VAL D 27 7.25 -15.09 23.49
N VAL D 28 6.26 -15.95 23.62
CA VAL D 28 5.20 -16.06 22.62
C VAL D 28 3.86 -15.87 23.33
N THR D 29 3.08 -14.83 22.94
CA THR D 29 1.77 -14.65 23.53
C THR D 29 0.78 -15.58 22.86
N GLY D 30 -0.18 -16.05 23.64
CA GLY D 30 -1.27 -16.88 23.14
C GLY D 30 -0.75 -18.16 22.55
N ALA D 31 0.22 -18.74 23.23
CA ALA D 31 1.01 -19.85 22.70
C ALA D 31 0.54 -21.26 23.07
N ALA D 32 -0.59 -21.37 23.74
CA ALA D 32 -1.03 -22.70 24.22
C ALA D 32 -1.59 -23.55 23.09
N LYS D 33 -2.11 -22.89 22.05
CA LYS D 33 -2.81 -23.58 20.99
C LYS D 33 -2.45 -23.04 19.61
N ARG D 34 -2.83 -23.81 18.60
CA ARG D 34 -2.93 -23.38 17.21
C ARG D 34 -1.61 -22.73 16.75
N ILE D 35 -1.65 -21.55 16.16
CA ILE D 35 -0.45 -20.97 15.55
C ILE D 35 0.61 -20.60 16.59
N GLY D 36 0.13 -20.01 17.68
CA GLY D 36 1.03 -19.64 18.76
C GLY D 36 1.84 -20.83 19.29
N ARG D 37 1.17 -21.95 19.44
CA ARG D 37 1.84 -23.20 19.90
C ARG D 37 2.91 -23.62 18.91
N ALA D 38 2.51 -23.64 17.65
CA ALA D 38 3.40 -24.06 16.60
C ALA D 38 4.64 -23.17 16.57
N ILE D 39 4.48 -21.86 16.76
CA ILE D 39 5.63 -20.92 16.88
C ILE D 39 6.51 -21.25 18.11
N ALA D 40 5.88 -21.53 19.24
CA ALA D 40 6.59 -21.91 20.44
C ALA D 40 7.38 -23.20 20.16
N VAL D 41 6.75 -24.20 19.56
CA VAL D 41 7.39 -25.50 19.29
C VAL D 41 8.57 -25.35 18.37
N LYS D 42 8.42 -24.57 17.30
CA LYS D 42 9.53 -24.32 16.37
C LYS D 42 10.64 -23.49 16.90
N LEU D 43 10.33 -22.42 17.61
CA LEU D 43 11.36 -21.66 18.29
C LEU D 43 12.20 -22.57 19.20
N HIS D 44 11.52 -23.48 19.90
CA HIS D 44 12.15 -24.38 20.85
C HIS D 44 13.09 -25.38 20.14
N GLN D 45 12.57 -26.00 19.08
CA GLN D 45 13.39 -26.86 18.21
C GLN D 45 14.58 -26.17 17.59
N THR D 46 14.51 -24.86 17.40
CA THR D 46 15.66 -24.09 16.90
C THR D 46 16.63 -23.80 18.01
N GLY D 47 16.29 -24.09 19.25
CA GLY D 47 17.27 -23.85 20.32
C GLY D 47 16.92 -22.79 21.32
N TYR D 48 15.70 -22.22 21.25
CA TYR D 48 15.29 -21.16 22.18
C TYR D 48 14.66 -21.78 23.44
N ARG D 49 14.87 -21.11 24.54
CA ARG D 49 14.02 -21.31 25.71
C ARG D 49 12.76 -20.43 25.53
N VAL D 50 11.59 -20.91 25.96
CA VAL D 50 10.36 -20.21 25.68
C VAL D 50 9.43 -19.92 26.88
N VAL D 51 8.94 -18.68 26.94
CA VAL D 51 7.81 -18.35 27.78
C VAL D 51 6.56 -18.54 26.96
N ILE D 52 5.71 -19.43 27.44
CA ILE D 52 4.45 -19.75 26.78
C ILE D 52 3.39 -18.97 27.47
N HIS D 53 3.07 -17.75 26.98
CA HIS D 53 1.95 -17.01 27.57
C HIS D 53 0.58 -17.60 27.17
N TYR D 54 -0.40 -17.43 28.05
CA TYR D 54 -1.75 -17.91 27.83
C TYR D 54 -2.71 -17.10 28.67
N HIS D 55 -4.00 -17.18 28.34
CA HIS D 55 -5.02 -16.46 29.08
C HIS D 55 -5.97 -17.46 29.81
N ASN D 56 -6.83 -18.14 29.05
CA ASN D 56 -7.70 -19.16 29.56
C ASN D 56 -7.19 -20.59 29.40
N SER D 57 -6.30 -20.85 28.44
CA SER D 57 -5.96 -22.24 28.09
C SER D 57 -4.86 -22.80 28.98
N ALA D 58 -5.12 -22.85 30.30
CA ALA D 58 -4.11 -23.32 31.28
C ALA D 58 -3.64 -24.75 31.04
N GLU D 59 -4.57 -25.68 30.84
CA GLU D 59 -4.23 -27.10 30.69
C GLU D 59 -3.32 -27.31 29.49
N ALA D 60 -3.71 -26.77 28.34
CA ALA D 60 -2.91 -26.87 27.13
C ALA D 60 -1.54 -26.19 27.26
N ALA D 61 -1.47 -25.05 27.93
CA ALA D 61 -0.16 -24.41 28.17
C ALA D 61 0.79 -25.27 29.00
N VAL D 62 0.33 -25.73 30.18
CA VAL D 62 1.20 -26.55 31.05
C VAL D 62 1.60 -27.83 30.32
N SER D 63 0.63 -28.45 29.62
CA SER D 63 0.89 -29.57 28.77
C SER D 63 2.05 -29.31 27.74
N LEU D 64 1.98 -28.20 26.97
CA LEU D 64 3.11 -27.82 26.11
C LEU D 64 4.46 -27.59 26.86
N ALA D 65 4.45 -26.89 27.98
CA ALA D 65 5.69 -26.71 28.73
C ALA D 65 6.36 -28.06 29.13
N ASP D 66 5.56 -29.09 29.43
CA ASP D 66 6.05 -30.46 29.76
C ASP D 66 6.66 -31.14 28.56
N GLU D 67 5.90 -31.22 27.46
CA GLU D 67 6.42 -31.70 26.19
C GLU D 67 7.80 -31.05 25.97
N LEU D 68 7.89 -29.75 26.12
CA LEU D 68 9.12 -29.07 25.77
C LEU D 68 10.27 -29.36 26.72
N ASN D 69 10.04 -29.15 28.01
CA ASN D 69 11.04 -29.39 29.04
C ASN D 69 11.54 -30.86 29.10
N LYS D 70 10.66 -31.82 28.79
CA LYS D 70 11.04 -33.25 28.61
C LYS D 70 12.08 -33.44 27.54
N GLU D 71 11.90 -32.75 26.43
CA GLU D 71 12.88 -32.68 25.36
C GLU D 71 14.20 -31.94 25.79
N ARG D 72 14.11 -30.77 26.41
CA ARG D 72 15.30 -30.13 27.02
C ARG D 72 14.93 -29.50 28.37
N SER D 73 15.54 -29.97 29.44
CA SER D 73 15.04 -29.58 30.74
C SER D 73 15.24 -28.08 30.96
N ASN D 74 14.33 -27.48 31.70
CA ASN D 74 14.46 -26.07 32.09
C ASN D 74 14.50 -25.07 30.92
N THR D 75 13.67 -25.35 29.91
CA THR D 75 13.59 -24.51 28.71
C THR D 75 12.21 -23.87 28.44
N ALA D 76 11.14 -24.31 29.12
CA ALA D 76 9.79 -23.72 28.97
C ALA D 76 9.11 -23.39 30.32
N VAL D 77 8.56 -22.16 30.43
CA VAL D 77 7.66 -21.78 31.51
C VAL D 77 6.35 -21.26 30.94
N VAL D 78 5.26 -21.41 31.70
CA VAL D 78 4.01 -20.73 31.37
C VAL D 78 3.90 -19.36 32.03
N CYS D 79 3.03 -18.52 31.51
CA CYS D 79 2.80 -17.16 32.07
C CYS D 79 1.40 -16.73 31.69
N GLN D 80 0.54 -16.63 32.71
CA GLN D 80 -0.86 -16.31 32.50
C GLN D 80 -1.03 -14.81 32.48
N ALA D 81 -1.81 -14.31 31.53
CA ALA D 81 -2.20 -12.92 31.50
C ALA D 81 -3.38 -12.63 30.56
N ASP D 82 -4.33 -11.83 31.08
CA ASP D 82 -5.37 -11.25 30.29
C ASP D 82 -4.72 -10.06 29.60
N LEU D 83 -4.92 -9.95 28.28
CA LEU D 83 -4.33 -8.86 27.48
C LEU D 83 -5.36 -7.83 26.96
N THR D 84 -6.58 -7.92 27.49
CA THR D 84 -7.61 -6.92 27.32
C THR D 84 -7.08 -5.57 27.78
N ASN D 85 -7.48 -4.52 27.09
CA ASN D 85 -7.06 -3.19 27.45
C ASN D 85 -7.71 -2.78 28.77
N SER D 86 -6.92 -2.14 29.61
CA SER D 86 -7.36 -1.68 30.92
C SER D 86 -6.18 -0.92 31.51
N ASN D 87 -6.40 -0.29 32.66
CA ASN D 87 -5.36 0.45 33.34
C ASN D 87 -4.29 -0.42 33.95
N VAL D 88 -4.47 -1.75 34.03
CA VAL D 88 -3.39 -2.62 34.55
CA VAL D 88 -3.42 -2.64 34.56
C VAL D 88 -2.65 -3.34 33.44
N LEU D 89 -3.12 -3.18 32.19
CA LEU D 89 -2.46 -3.92 31.08
C LEU D 89 -0.96 -3.61 31.05
N PRO D 90 -0.57 -2.35 31.26
CA PRO D 90 0.90 -2.10 31.27
C PRO D 90 1.64 -2.96 32.27
N ALA D 91 1.07 -3.13 33.47
CA ALA D 91 1.72 -3.97 34.49
C ALA D 91 1.72 -5.41 34.04
N SER D 92 0.61 -5.88 33.48
CA SER D 92 0.54 -7.25 33.00
C SER D 92 1.62 -7.57 31.94
N CYS D 93 1.75 -6.66 30.96
CA CYS D 93 2.78 -6.75 29.91
C CYS D 93 4.22 -6.66 30.46
N GLU D 94 4.45 -5.76 31.39
CA GLU D 94 5.74 -5.73 32.07
C GLU D 94 6.06 -7.08 32.70
N GLU D 95 5.02 -7.74 33.22
CA GLU D 95 5.21 -8.97 33.96
C GLU D 95 5.51 -10.17 33.06
N ILE D 96 4.93 -10.18 31.87
CA ILE D 96 5.21 -11.20 30.89
C ILE D 96 6.69 -11.12 30.49
N ILE D 97 7.19 -9.91 30.30
CA ILE D 97 8.59 -9.73 29.97
C ILE D 97 9.47 -10.11 31.17
N ASN D 98 9.13 -9.54 32.35
CA ASN D 98 9.79 -9.89 33.62
C ASN D 98 9.85 -11.39 33.82
N SER D 99 8.78 -12.10 33.44
CA SER D 99 8.76 -13.54 33.63
C SER D 99 9.82 -14.29 32.81
N CYS D 100 10.08 -13.79 31.61
CA CYS D 100 11.11 -14.36 30.79
C CYS D 100 12.46 -14.12 31.42
N PHE D 101 12.73 -12.92 31.91
CA PHE D 101 14.01 -12.68 32.58
C PHE D 101 14.21 -13.50 33.86
N ARG D 102 13.11 -13.77 34.56
CA ARG D 102 13.13 -14.46 35.83
C ARG D 102 13.42 -15.92 35.58
N ALA D 103 12.77 -16.52 34.60
CA ALA D 103 13.05 -17.93 34.27
C ALA D 103 14.40 -18.13 33.60
N PHE D 104 14.83 -17.18 32.76
CA PHE D 104 15.93 -17.44 31.85
C PHE D 104 17.01 -16.41 31.81
N GLY D 105 16.90 -15.32 32.56
CA GLY D 105 17.95 -14.32 32.63
C GLY D 105 18.12 -13.45 31.40
N ARG D 106 17.23 -13.58 30.41
CA ARG D 106 17.33 -12.79 29.20
C ARG D 106 16.02 -12.90 28.40
N CYS D 107 15.89 -12.01 27.41
CA CYS D 107 14.72 -12.03 26.51
C CYS D 107 15.13 -11.51 25.14
N ASP D 108 15.24 -12.43 24.20
CA ASP D 108 15.76 -12.16 22.87
C ASP D 108 14.68 -11.91 21.82
N VAL D 109 13.57 -12.65 21.95
CA VAL D 109 12.52 -12.62 20.95
C VAL D 109 11.13 -12.44 21.61
N LEU D 110 10.36 -11.49 21.07
CA LEU D 110 8.95 -11.35 21.40
C LEU D 110 8.10 -11.60 20.15
N VAL D 111 7.16 -12.54 20.30
CA VAL D 111 6.19 -12.81 19.30
C VAL D 111 4.80 -12.47 19.80
N ASN D 112 4.22 -11.41 19.24
CA ASN D 112 2.86 -10.98 19.53
C ASN D 112 1.83 -11.69 18.64
N ASN D 113 1.23 -12.73 19.22
CA ASN D 113 0.38 -13.65 18.53
C ASN D 113 -1.05 -13.65 19.09
N ALA D 114 -1.17 -13.53 20.42
CA ALA D 114 -2.50 -13.58 21.04
C ALA D 114 -3.41 -12.55 20.43
N SER D 115 -4.68 -12.90 20.24
CA SER D 115 -5.63 -12.03 19.57
C SER D 115 -7.05 -12.46 19.76
N ALA D 116 -7.93 -11.50 20.06
CA ALA D 116 -9.37 -11.75 20.05
C ALA D 116 -9.87 -11.52 18.65
N PHE D 117 -10.88 -12.26 18.24
CA PHE D 117 -11.38 -12.22 16.86
C PHE D 117 -12.85 -12.56 16.84
N TYR D 118 -13.70 -11.56 16.62
CA TYR D 118 -15.15 -11.77 16.53
C TYR D 118 -15.74 -10.52 15.93
N PRO D 119 -16.95 -10.64 15.32
CA PRO D 119 -17.59 -9.49 14.66
C PRO D 119 -17.99 -8.41 15.62
N THR D 120 -17.97 -7.16 15.17
CA THR D 120 -18.53 -6.03 15.91
C THR D 120 -19.29 -5.14 14.94
N PRO D 121 -20.54 -5.55 14.59
CA PRO D 121 -21.28 -4.78 13.60
C PRO D 121 -21.52 -3.36 14.04
N LEU D 122 -21.49 -2.46 13.05
CA LEU D 122 -21.70 -1.06 13.26
C LEU D 122 -23.16 -0.73 13.52
N VAL D 123 -24.04 -1.54 12.95
CA VAL D 123 -25.49 -1.33 13.05
C VAL D 123 -26.13 -2.53 13.71
N GLN D 124 -26.94 -2.23 14.75
CA GLN D 124 -27.79 -3.24 15.42
C GLN D 124 -29.19 -3.26 14.84
N GLY D 133 -22.86 -11.01 23.66
CA GLY D 133 -23.55 -10.20 24.67
C GLY D 133 -22.60 -9.32 25.49
N LYS D 134 -21.49 -8.89 24.91
CA LYS D 134 -20.54 -8.01 25.60
C LYS D 134 -20.90 -6.57 25.30
N THR D 135 -20.59 -5.66 26.20
CA THR D 135 -20.80 -4.26 25.94
C THR D 135 -19.78 -3.79 24.92
N VAL D 136 -20.03 -2.65 24.33
CA VAL D 136 -19.19 -2.21 23.25
C VAL D 136 -17.84 -1.75 23.84
N GLU D 137 -17.84 -1.24 25.07
CA GLU D 137 -16.56 -0.88 25.69
C GLU D 137 -15.73 -2.10 25.94
N THR D 138 -16.37 -3.22 26.25
CA THR D 138 -15.65 -4.50 26.39
C THR D 138 -15.08 -4.97 25.06
N GLN D 139 -15.81 -4.72 23.99
CA GLN D 139 -15.36 -5.14 22.66
C GLN D 139 -14.16 -4.34 22.20
N VAL D 140 -14.18 -3.04 22.45
CA VAL D 140 -13.01 -2.22 22.20
C VAL D 140 -11.81 -2.75 22.98
N ALA D 141 -12.00 -2.95 24.26
CA ALA D 141 -10.88 -3.32 25.13
C ALA D 141 -10.25 -4.64 24.71
N GLU D 142 -11.09 -5.59 24.31
CA GLU D 142 -10.58 -6.90 23.94
C GLU D 142 -9.87 -6.91 22.56
N LEU D 143 -10.58 -6.42 21.56
CA LEU D 143 -10.12 -6.41 20.19
C LEU D 143 -8.94 -5.46 19.96
N ILE D 144 -8.96 -4.28 20.54
CA ILE D 144 -7.88 -3.34 20.37
C ILE D 144 -6.80 -3.62 21.39
N GLY D 145 -7.18 -4.07 22.58
CA GLY D 145 -6.16 -4.51 23.56
C GLY D 145 -5.25 -5.59 23.06
N THR D 146 -5.83 -6.71 22.65
CA THR D 146 -5.07 -7.90 22.31
C THR D 146 -4.26 -7.69 21.04
N ASN D 147 -4.90 -7.07 20.04
CA ASN D 147 -4.30 -6.91 18.70
C ASN D 147 -3.37 -5.75 18.56
N ALA D 148 -3.43 -4.79 19.45
CA ALA D 148 -2.61 -3.60 19.22
C ALA D 148 -1.96 -3.05 20.48
N ILE D 149 -2.75 -2.84 21.52
CA ILE D 149 -2.22 -2.15 22.67
C ILE D 149 -1.25 -3.03 23.50
N ALA D 150 -1.64 -4.27 23.70
CA ALA D 150 -0.76 -5.18 24.40
C ALA D 150 0.57 -5.34 23.63
N PRO D 151 0.50 -5.55 22.31
CA PRO D 151 1.77 -5.54 21.59
C PRO D 151 2.63 -4.31 21.74
N PHE D 152 2.00 -3.14 21.81
CA PHE D 152 2.74 -1.89 22.08
C PHE D 152 3.40 -1.93 23.47
N LEU D 153 2.63 -2.32 24.48
CA LEU D 153 3.10 -2.37 25.85
C LEU D 153 4.21 -3.42 26.05
N LEU D 154 3.99 -4.58 25.46
CA LEU D 154 5.03 -5.61 25.46
C LEU D 154 6.31 -5.18 24.79
N THR D 155 6.18 -4.49 23.67
CA THR D 155 7.31 -4.00 22.91
C THR D 155 8.07 -3.00 23.72
N MET D 156 7.32 -2.15 24.42
CA MET D 156 7.91 -1.16 25.32
C MET D 156 8.70 -1.81 26.48
N SER D 157 8.08 -2.76 27.17
CA SER D 157 8.77 -3.47 28.25
C SER D 157 9.93 -4.26 27.70
N PHE D 158 9.73 -4.96 26.57
CA PHE D 158 10.84 -5.72 25.97
C PHE D 158 12.07 -4.84 25.75
N ALA D 159 11.90 -3.66 25.15
CA ALA D 159 13.03 -2.79 24.86
C ALA D 159 13.64 -2.10 26.09
N GLN D 160 12.79 -1.77 27.05
CA GLN D 160 13.23 -1.13 28.29
C GLN D 160 14.23 -2.06 28.98
N ARG D 161 13.99 -3.36 28.91
CA ARG D 161 14.81 -4.35 29.62
C ARG D 161 16.12 -4.77 28.91
N GLN D 162 16.37 -4.28 27.71
CA GLN D 162 17.62 -4.55 26.98
C GLN D 162 18.74 -3.56 27.32
N SER D 171 26.96 -10.66 18.47
CA SER D 171 26.53 -11.57 19.53
C SER D 171 24.99 -11.69 19.69
N SER D 172 24.29 -10.57 19.87
CA SER D 172 22.83 -10.59 20.10
C SER D 172 22.02 -10.54 18.79
N ASN D 173 20.87 -11.20 18.77
CA ASN D 173 19.95 -11.07 17.66
C ASN D 173 18.53 -10.85 18.22
N LEU D 174 18.28 -9.60 18.61
CA LEU D 174 17.05 -9.24 19.27
C LEU D 174 16.03 -8.90 18.18
N SER D 175 14.86 -9.48 18.27
CA SER D 175 13.78 -9.05 17.36
C SER D 175 12.37 -9.30 17.91
N ILE D 176 11.43 -8.64 17.26
CA ILE D 176 10.04 -8.82 17.53
C ILE D 176 9.31 -9.22 16.27
N VAL D 177 8.37 -10.15 16.40
CA VAL D 177 7.51 -10.50 15.28
C VAL D 177 6.05 -10.35 15.65
N ASN D 178 5.35 -9.52 14.91
CA ASN D 178 3.95 -9.30 15.16
C ASN D 178 3.12 -10.09 14.22
N LEU D 179 2.14 -10.84 14.72
CA LEU D 179 1.24 -11.59 13.84
C LEU D 179 0.13 -10.65 13.33
N CYS D 180 0.25 -10.31 12.06
CA CYS D 180 -0.60 -9.34 11.37
C CYS D 180 -1.64 -10.12 10.64
N ASP D 181 -2.20 -9.55 9.58
CA ASP D 181 -3.31 -10.11 8.85
C ASP D 181 -3.21 -9.68 7.37
N ALA D 182 -3.10 -10.64 6.46
CA ALA D 182 -2.89 -10.31 5.05
C ALA D 182 -4.12 -9.65 4.40
N MET D 183 -5.28 -9.82 5.00
CA MET D 183 -6.53 -9.29 4.48
C MET D 183 -6.93 -7.92 5.03
N VAL D 184 -6.00 -7.15 5.60
CA VAL D 184 -6.37 -5.90 6.29
C VAL D 184 -7.03 -4.89 5.39
N ASP D 185 -6.64 -4.85 4.13
CA ASP D 185 -7.24 -3.92 3.20
C ASP D 185 -8.43 -4.47 2.47
N GLN D 186 -8.79 -5.72 2.74
CA GLN D 186 -9.93 -6.42 2.13
C GLN D 186 -10.70 -7.15 3.23
N PRO D 187 -11.17 -6.38 4.22
CA PRO D 187 -11.56 -6.92 5.51
C PRO D 187 -12.84 -7.76 5.53
N CYS D 188 -12.90 -8.66 6.54
CA CYS D 188 -14.08 -9.45 6.85
C CYS D 188 -15.19 -8.51 7.17
N MET D 189 -16.36 -8.83 6.67
CA MET D 189 -17.51 -7.95 6.85
C MET D 189 -17.92 -7.88 8.33
N ALA D 190 -18.13 -6.66 8.81
CA ALA D 190 -18.54 -6.39 10.18
C ALA D 190 -17.48 -6.70 11.25
N PHE D 191 -16.21 -6.61 10.87
CA PHE D 191 -15.13 -6.88 11.80
C PHE D 191 -14.30 -5.63 12.01
N SER D 192 -14.95 -4.46 12.12
N SER D 192 -14.98 -4.47 12.10
CA SER D 192 -14.24 -3.19 12.12
CA SER D 192 -14.31 -3.16 12.17
C SER D 192 -13.23 -3.04 13.26
C SER D 192 -13.23 -3.09 13.25
N LEU D 193 -13.61 -3.43 14.48
CA LEU D 193 -12.67 -3.36 15.60
C LEU D 193 -11.48 -4.28 15.43
N TYR D 194 -11.72 -5.51 15.01
CA TYR D 194 -10.60 -6.42 14.76
C TYR D 194 -9.63 -5.79 13.76
N ASN D 195 -10.22 -5.36 12.65
CA ASN D 195 -9.45 -4.79 11.56
C ASN D 195 -8.71 -3.54 11.99
N MET D 196 -9.33 -2.72 12.82
CA MET D 196 -8.69 -1.54 13.31
C MET D 196 -7.50 -1.92 14.18
N GLY D 197 -7.65 -2.99 14.99
CA GLY D 197 -6.55 -3.57 15.75
C GLY D 197 -5.37 -4.01 14.87
N LYS D 198 -5.69 -4.75 13.81
CA LYS D 198 -4.65 -5.27 12.95
C LYS D 198 -3.95 -4.16 12.15
N HIS D 199 -4.70 -3.11 11.77
CA HIS D 199 -4.10 -1.94 11.10
C HIS D 199 -3.14 -1.22 12.04
N ALA D 200 -3.55 -1.05 13.29
CA ALA D 200 -2.72 -0.51 14.33
C ALA D 200 -1.47 -1.31 14.51
N LEU D 201 -1.60 -2.62 14.40
CA LEU D 201 -0.43 -3.49 14.59
C LEU D 201 0.63 -3.24 13.46
N VAL D 202 0.11 -2.94 12.26
CA VAL D 202 0.97 -2.56 11.14
C VAL D 202 1.73 -1.31 11.56
N GLY D 203 1.00 -0.28 11.99
CA GLY D 203 1.64 0.98 12.41
C GLY D 203 2.69 0.83 13.49
N LEU D 204 2.39 0.01 14.49
CA LEU D 204 3.35 -0.34 15.53
C LEU D 204 4.57 -1.09 14.97
N THR D 205 4.33 -2.06 14.08
CA THR D 205 5.49 -2.74 13.41
C THR D 205 6.47 -1.70 12.80
N GLN D 206 5.92 -0.72 12.10
CA GLN D 206 6.69 0.27 11.41
C GLN D 206 7.32 1.27 12.36
N SER D 207 6.53 1.82 13.30
CA SER D 207 7.05 2.82 14.22
C SER D 207 8.16 2.23 15.10
N ALA D 208 7.96 0.99 15.55
CA ALA D 208 8.89 0.36 16.47
C ALA D 208 10.17 -0.05 15.77
N ALA D 209 10.07 -0.52 14.53
CA ALA D 209 11.25 -0.85 13.75
C ALA D 209 12.10 0.40 13.62
N LEU D 210 11.46 1.53 13.35
CA LEU D 210 12.17 2.76 13.14
C LEU D 210 12.86 3.20 14.44
N GLU D 211 12.10 3.24 15.52
CA GLU D 211 12.60 3.76 16.79
C GLU D 211 13.58 2.85 17.50
N LEU D 212 13.42 1.55 17.35
CA LEU D 212 14.25 0.59 18.05
C LEU D 212 15.49 0.14 17.28
N ALA D 213 15.59 0.52 16.00
CA ALA D 213 16.72 0.10 15.17
C ALA D 213 18.10 0.51 15.71
N PRO D 214 18.23 1.72 16.31
CA PRO D 214 19.52 2.12 16.95
C PRO D 214 19.95 1.22 18.08
N TYR D 215 19.02 0.51 18.70
CA TYR D 215 19.34 -0.47 19.74
C TYR D 215 19.56 -1.89 19.17
N GLY D 216 19.59 -2.04 17.86
CA GLY D 216 19.79 -3.38 17.28
C GLY D 216 18.61 -4.35 17.40
N ILE D 217 17.43 -3.81 17.69
CA ILE D 217 16.20 -4.62 17.77
C ILE D 217 15.34 -4.50 16.49
N ARG D 218 15.17 -5.60 15.78
CA ARG D 218 14.34 -5.62 14.58
C ARG D 218 12.89 -5.86 14.95
N VAL D 219 11.98 -5.36 14.12
CA VAL D 219 10.55 -5.52 14.33
C VAL D 219 9.90 -5.84 13.01
N ASN D 220 9.28 -7.00 12.89
CA ASN D 220 8.69 -7.41 11.62
C ASN D 220 7.38 -8.06 11.88
N GLY D 221 6.70 -8.41 10.81
CA GLY D 221 5.44 -9.08 10.88
C GLY D 221 5.31 -10.25 9.94
N VAL D 222 4.36 -11.12 10.27
CA VAL D 222 3.98 -12.23 9.48
C VAL D 222 2.47 -12.13 9.40
N ALA D 223 1.93 -12.25 8.20
CA ALA D 223 0.54 -11.93 7.93
C ALA D 223 -0.11 -13.12 7.25
N PRO D 224 -0.78 -13.95 8.05
CA PRO D 224 -1.47 -15.08 7.46
C PRO D 224 -2.67 -14.58 6.66
N GLY D 225 -3.11 -15.38 5.68
CA GLY D 225 -4.38 -15.17 5.02
C GLY D 225 -5.41 -15.99 5.75
N VAL D 226 -5.77 -17.12 5.20
CA VAL D 226 -6.48 -18.09 5.97
C VAL D 226 -5.48 -19.17 6.42
N SER D 227 -5.38 -19.35 7.72
CA SER D 227 -4.64 -20.43 8.34
C SER D 227 -5.66 -21.22 9.18
N LEU D 228 -5.28 -21.73 10.34
CA LEU D 228 -6.18 -22.64 11.08
C LEU D 228 -7.49 -21.92 11.34
N LEU D 229 -8.60 -22.47 10.85
CA LEU D 229 -9.84 -21.71 10.88
C LEU D 229 -10.44 -21.74 12.29
N PRO D 230 -11.36 -20.80 12.60
CA PRO D 230 -12.00 -20.83 13.92
C PRO D 230 -12.61 -22.19 14.23
N VAL D 231 -12.42 -22.66 15.46
CA VAL D 231 -13.07 -23.88 15.96
C VAL D 231 -14.59 -23.78 15.81
N ALA D 232 -15.15 -22.61 16.13
CA ALA D 232 -16.60 -22.40 16.06
C ALA D 232 -17.16 -22.22 14.64
N MET D 233 -16.30 -22.18 13.62
CA MET D 233 -16.79 -21.95 12.26
C MET D 233 -17.32 -23.27 11.67
N GLY D 234 -18.51 -23.21 11.10
CA GLY D 234 -19.11 -24.36 10.41
C GLY D 234 -18.22 -24.85 9.29
N GLU D 235 -18.40 -26.10 8.88
CA GLU D 235 -17.48 -26.71 7.90
C GLU D 235 -17.70 -26.25 6.47
N GLU D 236 -18.92 -25.78 6.21
CA GLU D 236 -19.29 -25.20 4.93
C GLU D 236 -18.56 -23.84 4.74
N GLU D 237 -18.59 -22.98 5.77
CA GLU D 237 -17.84 -21.73 5.73
C GLU D 237 -16.32 -21.91 5.53
N LYS D 238 -15.73 -22.84 6.28
CA LYS D 238 -14.33 -23.25 6.10
C LYS D 238 -13.98 -23.60 4.66
N ASP D 239 -14.79 -24.45 4.04
CA ASP D 239 -14.51 -24.88 2.70
C ASP D 239 -14.68 -23.70 1.80
N LYS D 240 -15.68 -22.86 2.09
CA LYS D 240 -15.87 -21.70 1.27
C LYS D 240 -14.58 -20.82 1.27
N TRP D 241 -13.91 -20.72 2.40
CA TRP D 241 -12.64 -20.00 2.46
C TRP D 241 -11.52 -20.75 1.77
N ARG D 242 -11.50 -22.06 1.94
CA ARG D 242 -10.45 -22.86 1.33
C ARG D 242 -10.45 -22.73 -0.17
N ARG D 243 -11.63 -22.77 -0.77
CA ARG D 243 -11.68 -22.77 -2.23
C ARG D 243 -11.27 -21.43 -2.87
N LYS D 244 -11.18 -20.38 -2.06
CA LYS D 244 -10.71 -19.08 -2.52
C LYS D 244 -9.19 -19.00 -2.68
N VAL D 245 -8.42 -19.84 -1.98
CA VAL D 245 -6.96 -19.74 -1.96
C VAL D 245 -6.31 -20.27 -3.25
N PRO D 246 -5.60 -19.41 -3.99
CA PRO D 246 -5.08 -19.90 -5.26
C PRO D 246 -4.02 -21.02 -5.14
N LEU D 247 -3.18 -20.97 -4.10
CA LEU D 247 -2.10 -21.96 -3.95
C LEU D 247 -2.56 -23.15 -3.12
N GLY D 248 -3.17 -24.13 -3.78
CA GLY D 248 -3.52 -25.43 -3.20
C GLY D 248 -4.94 -25.49 -2.65
N ARG D 249 -5.70 -24.40 -2.82
CA ARG D 249 -7.06 -24.32 -2.32
C ARG D 249 -7.16 -24.89 -0.91
N ARG D 250 -6.26 -24.48 -0.03
CA ARG D 250 -6.24 -24.94 1.37
C ARG D 250 -5.67 -23.80 2.24
N GLU D 251 -6.05 -23.81 3.51
CA GLU D 251 -5.55 -22.89 4.51
C GLU D 251 -4.08 -23.23 4.80
N ALA D 252 -3.31 -22.28 5.32
CA ALA D 252 -1.97 -22.60 5.81
C ALA D 252 -2.06 -23.44 7.08
N SER D 253 -1.15 -24.40 7.23
CA SER D 253 -0.92 -25.03 8.51
C SER D 253 -0.28 -24.03 9.45
N ALA D 254 -0.43 -24.27 10.74
CA ALA D 254 0.25 -23.48 11.75
C ALA D 254 1.76 -23.55 11.55
N GLU D 255 2.26 -24.66 11.04
CA GLU D 255 3.70 -24.84 10.83
C GLU D 255 4.22 -23.92 9.75
N GLN D 256 3.41 -23.70 8.75
CA GLN D 256 3.79 -22.80 7.68
C GLN D 256 3.87 -21.35 8.16
N ILE D 257 2.95 -20.94 9.01
CA ILE D 257 3.04 -19.60 9.59
C ILE D 257 4.32 -19.48 10.45
N ALA D 258 4.56 -20.49 11.29
CA ALA D 258 5.74 -20.46 12.15
C ALA D 258 7.06 -20.41 11.35
N ASP D 259 7.15 -21.12 10.23
CA ASP D 259 8.37 -21.07 9.39
C ASP D 259 8.77 -19.59 9.05
N ALA D 260 7.77 -18.76 8.77
CA ALA D 260 8.05 -17.37 8.44
C ALA D 260 8.59 -16.60 9.66
N VAL D 261 8.04 -16.95 10.82
CA VAL D 261 8.47 -16.40 12.09
C VAL D 261 9.93 -16.72 12.37
N ILE D 262 10.24 -18.01 12.24
CA ILE D 262 11.58 -18.55 12.41
C ILE D 262 12.55 -17.87 11.45
N PHE D 263 12.15 -17.69 10.20
CA PHE D 263 12.99 -16.93 9.32
C PHE D 263 13.30 -15.54 9.86
N LEU D 264 12.28 -14.78 10.22
CA LEU D 264 12.47 -13.37 10.65
C LEU D 264 13.34 -13.17 11.91
N VAL D 265 13.27 -14.11 12.85
CA VAL D 265 14.14 -14.07 14.03
C VAL D 265 15.56 -14.61 13.79
N SER D 266 15.76 -15.34 12.68
CA SER D 266 17.02 -15.99 12.36
C SER D 266 18.11 -15.06 11.86
N GLY D 267 19.33 -15.60 11.78
CA GLY D 267 20.51 -14.89 11.24
C GLY D 267 20.40 -14.51 9.76
N SER D 268 19.44 -15.08 9.05
CA SER D 268 19.27 -14.82 7.62
C SER D 268 18.38 -13.62 7.36
N ALA D 269 17.99 -12.92 8.43
CA ALA D 269 17.09 -11.78 8.35
C ALA D 269 17.65 -10.60 9.11
N GLN D 270 18.96 -10.55 9.25
CA GLN D 270 19.65 -9.53 10.04
C GLN D 270 19.51 -8.08 9.56
N TYR D 271 19.23 -7.88 8.27
CA TYR D 271 19.00 -6.56 7.72
C TYR D 271 17.52 -6.25 7.52
N ILE D 272 16.65 -7.19 7.88
CA ILE D 272 15.21 -7.03 7.72
C ILE D 272 14.57 -6.39 8.96
N THR D 273 14.00 -5.20 8.78
CA THR D 273 13.22 -4.61 9.86
C THR D 273 12.08 -3.75 9.25
N GLY D 274 10.91 -3.86 9.84
CA GLY D 274 9.71 -3.21 9.36
C GLY D 274 9.08 -3.87 8.18
N SER D 275 9.42 -5.13 7.95
CA SER D 275 8.86 -5.90 6.85
C SER D 275 7.73 -6.76 7.38
N ILE D 276 6.67 -6.90 6.59
CA ILE D 276 5.59 -7.82 6.89
C ILE D 276 5.46 -8.84 5.76
N ILE D 277 5.66 -10.11 6.07
CA ILE D 277 5.68 -11.13 5.05
C ILE D 277 4.32 -11.76 5.05
N LYS D 278 3.58 -11.61 3.96
CA LYS D 278 2.32 -12.34 3.79
C LYS D 278 2.64 -13.80 3.66
N VAL D 279 1.84 -14.63 4.32
CA VAL D 279 1.93 -16.06 4.15
C VAL D 279 0.48 -16.55 3.88
N ASP D 280 0.01 -16.29 2.66
CA ASP D 280 -1.42 -16.36 2.36
C ASP D 280 -1.80 -17.16 1.10
N GLY D 281 -0.84 -17.84 0.48
CA GLY D 281 -1.14 -18.68 -0.66
C GLY D 281 -1.81 -17.90 -1.78
N GLY D 282 -1.56 -16.58 -1.83
CA GLY D 282 -2.12 -15.74 -2.89
C GLY D 282 -3.52 -15.20 -2.62
N LEU D 283 -4.09 -15.45 -1.44
CA LEU D 283 -5.51 -15.08 -1.18
C LEU D 283 -5.84 -13.56 -1.33
N SER D 284 -4.98 -12.70 -0.80
CA SER D 284 -5.17 -11.27 -0.90
C SER D 284 -5.03 -10.76 -2.34
N LEU D 285 -4.56 -11.62 -3.24
CA LEU D 285 -4.42 -11.20 -4.63
C LEU D 285 -5.70 -11.40 -5.41
N VAL D 286 -6.66 -12.11 -4.81
CA VAL D 286 -7.89 -12.52 -5.50
C VAL D 286 -8.97 -11.45 -5.33
N HIS D 287 -9.43 -10.91 -6.46
CA HIS D 287 -10.51 -9.93 -6.49
C HIS D 287 -11.86 -10.54 -6.16
N ALA D 288 -12.82 -9.66 -5.85
CA ALA D 288 -14.17 -10.07 -5.49
C ALA D 288 -14.80 -10.96 -6.55
OAD OZJ E . -7.79 -6.09 -13.61
CAF OZJ E . -8.96 -6.29 -13.99
CAP OZJ E . -9.98 -5.19 -14.19
CAJ OZJ E . -9.96 -4.38 -15.32
CAH OZJ E . -11.04 -5.01 -13.29
CAG OZJ E . -12.01 -4.06 -13.50
CAI OZJ E . -11.97 -3.26 -14.64
CAQ OZJ E . -10.94 -3.39 -15.52
CAS OZJ E . -10.86 -2.63 -16.80
NAM OZJ E . -9.71 -2.09 -17.26
C4 OZJ E . -9.93 -1.55 -18.51
N3 OZJ E . -9.10 -0.89 -19.37
C2 OZJ E . -9.56 -0.44 -20.57
NAB OZJ E . -8.71 0.21 -21.39
N1 OZJ E . -10.87 -0.63 -20.93
C6 OZJ E . -11.73 -1.26 -20.10
NAC OZJ E . -13.03 -1.45 -20.46
C5 OZJ E . -11.27 -1.74 -18.90
CAR OZJ E . -11.84 -2.43 -17.84
CAE OZJ E . -13.09 -2.83 -17.71
NAA OZJ E . -14.17 -3.19 -17.57
PA NAP F . -11.37 2.00 -23.48
O1A NAP F . -10.79 0.64 -23.38
O2A NAP F . -12.74 2.26 -24.05
O5B NAP F . -10.27 2.80 -24.38
C5B NAP F . -10.33 4.17 -24.56
C4B NAP F . -9.55 4.46 -25.83
O4B NAP F . -8.24 4.00 -25.73
C3B NAP F . -10.03 3.68 -27.05
O3B NAP F . -11.29 4.18 -27.50
C2B NAP F . -8.88 3.85 -28.01
O2B NAP F . -9.11 4.87 -29.00
C1B NAP F . -7.69 4.13 -27.05
N9A NAP F . -6.59 3.23 -27.49
C8A NAP F . -6.54 1.91 -27.42
N7A NAP F . -5.41 1.42 -28.07
C5A NAP F . -4.75 2.49 -28.54
C6A NAP F . -3.52 2.71 -29.27
N6A NAP F . -2.77 1.66 -29.61
N1A NAP F . -3.16 3.97 -29.59
C2A NAP F . -3.89 5.03 -29.20
N3A NAP F . -5.04 4.89 -28.53
C4A NAP F . -5.52 3.66 -28.19
O3 NAP F . -11.21 2.80 -22.14
PN NAP F . -12.39 2.99 -21.03
O1N NAP F . -13.23 4.17 -21.39
O2N NAP F . -12.97 1.64 -20.71
O5D NAP F . -11.45 3.46 -19.77
C5D NAP F . -10.80 4.72 -19.77
C4D NAP F . -9.64 4.66 -18.80
O4D NAP F . -10.10 4.27 -17.47
C3D NAP F . -8.60 3.65 -19.28
O3D NAP F . -7.28 4.07 -19.08
C2D NAP F . -8.85 2.49 -18.39
O2D NAP F . -7.75 1.59 -18.30
C1D NAP F . -9.32 3.16 -17.07
N1N NAP F . -10.08 2.13 -16.36
C2N NAP F . -11.30 1.79 -16.84
C3N NAP F . -12.06 0.81 -16.23
C7N NAP F . -13.42 0.42 -16.73
O7N NAP F . -14.15 -0.23 -15.99
N7N NAP F . -13.85 0.72 -17.99
C4N NAP F . -11.48 0.18 -15.17
C5N NAP F . -10.23 0.55 -14.70
C6N NAP F . -9.52 1.54 -15.32
P2B NAP F . -9.87 4.65 -30.45
O1X NAP F . -9.79 6.07 -30.96
O2X NAP F . -11.22 4.19 -30.00
O3X NAP F . -9.08 3.62 -31.25
C ACT G . -19.78 7.29 -26.21
O ACT G . -20.31 7.71 -27.27
OXT ACT G . -19.31 6.15 -26.02
CH3 ACT G . -19.69 8.26 -25.13
C ACT H . -13.27 -7.01 -16.76
O ACT H . -13.34 -6.57 -17.93
OXT ACT H . -12.82 -8.16 -16.48
CH3 ACT H . -13.73 -6.09 -15.66
OAD OZJ I . 4.00 11.46 11.75
CAF OZJ I . 4.51 12.58 11.88
CAP OZJ I . 3.75 13.77 11.34
CAJ OZJ I . 2.61 14.29 11.98
CAH OZJ I . 4.23 14.39 10.20
CAG OZJ I . 3.60 15.53 9.70
CAI OZJ I . 2.48 16.06 10.32
CAQ OZJ I . 1.96 15.40 11.43
CAS OZJ I . 0.85 15.93 12.23
NAM OZJ I . -0.13 15.16 12.73
C4 OZJ I . -0.92 15.93 13.55
N3 OZJ I . -2.04 15.62 14.23
C2 OZJ I . -2.61 16.54 15.01
NAB OZJ I . -3.70 16.15 15.69
N1 OZJ I . -2.13 17.83 15.10
C6 OZJ I . -1.01 18.21 14.43
NAC OZJ I . -0.52 19.48 14.54
C5 OZJ I . -0.39 17.25 13.65
CAR OZJ I . 0.73 17.23 12.82
CAE OZJ I . 1.58 18.25 12.60
NAA OZJ I . 2.28 19.12 12.41
PA NAP J . -5.06 19.75 16.21
O1A NAP J . -3.79 19.11 16.72
O2A NAP J . -5.15 21.26 16.15
O5B NAP J . -6.26 19.12 17.06
C5B NAP J . -7.58 19.40 16.63
C4B NAP J . -8.49 19.37 17.84
O4B NAP J . -8.53 18.06 18.39
C3B NAP J . -8.07 20.25 19.01
O3B NAP J . -8.39 21.60 18.75
C2B NAP J . -8.82 19.59 20.19
O2B NAP J . -9.97 20.35 20.62
C1B NAP J . -9.22 18.17 19.66
N9A NAP J . -8.83 17.18 20.68
C8A NAP J . -7.59 16.85 21.17
N7A NAP J . -7.67 15.97 22.18
C5A NAP J . -8.98 15.76 22.39
C6A NAP J . -9.80 14.94 23.27
N6A NAP J . -9.25 14.17 24.18
N1A NAP J . -11.11 14.96 23.14
C2A NAP J . -11.73 15.70 22.23
N3A NAP J . -11.07 16.47 21.37
C4A NAP J . -9.73 16.54 21.42
O3 NAP J . -5.42 19.17 14.77
PN NAP J . -5.04 19.82 13.34
O1N NAP J . -5.95 20.96 13.05
O2N NAP J . -3.55 20.08 13.28
O5D NAP J . -5.40 18.59 12.35
C5D NAP J . -6.71 18.14 12.11
C4D NAP J . -6.67 16.68 11.71
O4D NAP J . -5.75 16.50 10.63
C3D NAP J . -6.20 15.80 12.87
O3D NAP J . -6.96 14.62 12.82
C2D NAP J . -4.76 15.51 12.52
O2D NAP J . -4.24 14.26 12.96
C1D NAP J . -4.82 15.51 10.99
N1N NAP J . -3.51 15.76 10.44
C2N NAP J . -2.98 16.99 10.60
C3N NAP J . -1.71 17.28 10.13
C7N NAP J . -1.12 18.67 10.29
O7N NAP J . -0.11 18.96 9.71
N7N NAP J . -1.69 19.63 11.00
C4N NAP J . -1.02 16.27 9.48
C5N NAP J . -1.59 14.98 9.32
C6N NAP J . -2.86 14.76 9.81
P2B NAP J . -9.97 21.56 21.71
O1X NAP J . -11.44 21.86 21.79
O2X NAP J . -9.10 22.67 21.21
O3X NAP J . -9.45 21.01 23.01
C ACT K . 5.61 17.46 13.32
O ACT K . 5.16 18.27 14.17
OXT ACT K . 6.54 16.65 13.53
CH3 ACT K . 4.97 17.42 11.97
OAD OZJ L . 14.85 4.69 -6.53
CAF OZJ L . 15.98 4.98 -6.15
CAP OZJ L . 16.88 3.92 -5.55
CAJ OZJ L . 17.49 2.95 -6.34
CAH OZJ L . 17.17 3.98 -4.19
CAG OZJ L . 18.06 3.06 -3.66
CAI OZJ L . 18.67 2.09 -4.46
CAQ OZJ L . 18.34 1.99 -5.80
CAS OZJ L . 19.01 1.06 -6.74
NAM OZJ L . 18.37 0.43 -7.75
C4 OZJ L . 19.29 -0.23 -8.50
N3 OZJ L . 19.13 -1.03 -9.58
C2 OZJ L . 20.21 -1.58 -10.21
NAB OZJ L . 20.01 -2.36 -11.30
N1 OZJ L . 21.46 -1.37 -9.76
C6 OZJ L . 21.70 -0.61 -8.66
NAC OZJ L . 22.97 -0.43 -8.27
C5 OZJ L . 20.62 -0.01 -8.01
CAR OZJ L . 20.45 0.83 -6.93
CAE OZJ L . 21.35 1.35 -6.08
NAA OZJ L . 22.12 1.78 -5.33
PA NAP M . 23.37 -4.12 -11.08
O1A NAP M . 23.00 -2.72 -11.37
O2A NAP M . 24.77 -4.52 -10.65
O5B NAP M . 22.99 -4.93 -12.39
C5B NAP M . 23.06 -6.35 -12.33
C4B NAP M . 23.34 -6.93 -13.71
O4B NAP M . 22.23 -6.67 -14.58
C3B NAP M . 24.57 -6.36 -14.44
O3B NAP M . 25.77 -7.02 -14.07
C2B NAP M . 24.25 -6.68 -15.89
O2B NAP M . 24.99 -7.82 -16.37
C1B NAP M . 22.72 -6.96 -15.89
N9A NAP M . 22.15 -6.15 -16.99
C8A NAP M . 22.07 -4.79 -17.08
N7A NAP M . 21.53 -4.40 -18.28
C5A NAP M . 21.30 -5.53 -18.98
C6A NAP M . 20.75 -5.86 -20.28
N6A NAP M . 20.35 -4.91 -21.16
N1A NAP M . 20.65 -7.17 -20.59
C2A NAP M . 21.06 -8.11 -19.74
N3A NAP M . 21.55 -7.88 -18.53
C4A NAP M . 21.70 -6.65 -18.11
O3 NAP M . 22.35 -4.81 -10.07
PN NAP M . 22.62 -4.86 -8.46
O1N NAP M . 23.35 -6.12 -8.18
O2N NAP M . 22.97 -3.50 -7.89
O5D NAP M . 21.14 -5.20 -7.95
C5D NAP M . 20.55 -6.50 -8.32
C4D NAP M . 19.02 -6.38 -8.36
O4D NAP M . 18.54 -5.81 -7.12
C3D NAP M . 18.50 -5.47 -9.48
O3D NAP M . 17.29 -5.96 -9.99
C2D NAP M . 18.23 -4.14 -8.81
O2D NAP M . 17.25 -3.29 -9.40
C1D NAP M . 17.82 -4.60 -7.42
N1N NAP M . 18.08 -3.56 -6.47
C2N NAP M . 19.35 -3.24 -6.10
C3N NAP M . 19.57 -2.23 -5.20
C7N NAP M . 20.94 -1.90 -4.71
O7N NAP M . 21.05 -1.08 -3.83
N7N NAP M . 22.04 -2.52 -5.17
C4N NAP M . 18.51 -1.56 -4.67
C5N NAP M . 17.21 -1.86 -5.08
C6N NAP M . 17.02 -2.89 -5.96
P2B NAP M . 26.43 -7.79 -17.12
O1X NAP M . 27.45 -7.17 -16.20
O2X NAP M . 26.20 -6.95 -18.38
O3X NAP M . 26.65 -9.28 -17.39
C ACT N . 30.10 -23.44 -19.12
O ACT N . 29.03 -22.91 -19.51
OXT ACT N . 30.32 -24.71 -19.24
CH3 ACT N . 31.16 -22.53 -18.52
OAD OZJ O . -10.58 -10.08 7.80
CAF OZJ O . -11.03 -11.26 7.86
CAP OZJ O . -10.17 -12.50 8.05
CAJ OZJ O . -9.72 -12.92 9.29
CAH OZJ O . -9.95 -13.33 6.96
CAG OZJ O . -9.25 -14.51 7.11
CAI OZJ O . -8.78 -14.90 8.35
CAQ OZJ O . -8.96 -14.08 9.42
CAS OZJ O . -8.61 -14.44 10.78
NAM OZJ O . -8.07 -13.61 11.70
C4 OZJ O . -8.00 -14.29 12.90
N3 OZJ O . -7.53 -13.89 14.11
C2 OZJ O . -7.60 -14.72 15.18
NAB OZJ O . -7.15 -14.28 16.35
N1 OZJ O . -8.11 -15.99 15.08
C6 OZJ O . -8.62 -16.45 13.91
NAC OZJ O . -9.17 -17.70 13.83
C5 OZJ O . -8.56 -15.60 12.79
CAR OZJ O . -8.96 -15.68 11.46
CAE OZJ O . -9.55 -16.63 10.76
NAA OZJ O . -10.07 -17.45 10.14
PA NAP P . -6.50 -17.64 17.99
O1A NAP P . -7.77 -16.97 17.61
O2A NAP P . -6.40 -19.11 18.23
O5B NAP P . -5.96 -16.83 19.27
C5B NAP P . -4.73 -17.25 19.84
C4B NAP P . -4.79 -17.00 21.34
O4B NAP P . -5.02 -15.63 21.60
C3B NAP P . -5.90 -17.79 22.04
O3B NAP P . -5.51 -19.19 22.27
C2B NAP P . -6.05 -16.95 23.31
O2B NAP P . -5.46 -17.58 24.44
C1B NAP P . -5.35 -15.60 22.96
N9A NAP P . -6.27 -14.54 23.41
C8A NAP P . -7.53 -14.28 23.01
N7A NAP P . -8.05 -13.28 23.78
C5A NAP P . -7.13 -12.95 24.70
C6A NAP P . -6.98 -12.02 25.82
N6A NAP P . -7.92 -11.16 26.19
N1A NAP P . -5.83 -12.02 26.51
C2A NAP P . -4.79 -12.79 26.18
N3A NAP P . -4.86 -13.68 25.18
C4A NAP P . -5.97 -13.79 24.44
O3 NAP P . -5.24 -17.21 17.06
PN NAP P . -4.80 -18.04 15.75
O1N NAP P . -3.89 -19.18 16.21
O2N NAP P . -6.04 -18.26 14.93
O5D NAP P . -3.92 -16.91 14.97
C5D NAP P . -2.63 -16.49 15.45
C4D NAP P . -2.36 -15.08 14.98
O4D NAP P . -2.44 -15.05 13.54
C3D NAP P . -3.37 -14.08 15.54
O3D NAP P . -2.76 -12.84 15.91
C2D NAP P . -4.29 -13.83 14.38
O2D NAP P . -4.98 -12.56 14.42
C1D NAP P . -3.36 -14.02 13.20
N1N NAP P . -4.10 -14.45 12.05
C2N NAP P . -4.66 -15.67 12.05
C3N NAP P . -5.38 -16.08 10.94
C7N NAP P . -6.03 -17.43 10.91
O7N NAP P . -6.45 -17.77 9.82
N7N NAP P . -6.12 -18.25 12.00
C4N NAP P . -5.50 -15.24 9.84
C5N NAP P . -4.93 -13.98 9.83
C6N NAP P . -4.21 -13.61 10.98
P2B NAP P . -6.10 -18.72 25.43
O1X NAP P . -4.91 -19.00 26.28
O2X NAP P . -6.59 -19.86 24.53
O3X NAP P . -7.22 -17.98 26.12
#